data_7Z7Z
# 
_entry.id   7Z7Z 
# 
_audit_conform.dict_name       mmcif_pdbx.dic 
_audit_conform.dict_version    5.385 
_audit_conform.dict_location   http://mmcif.pdb.org/dictionaries/ascii/mmcif_pdbx.dic 
# 
loop_
_database_2.database_id 
_database_2.database_code 
_database_2.pdbx_database_accession 
_database_2.pdbx_DOI 
PDB   7Z7Z         pdb_00007z7z 10.2210/pdb7z7z/pdb 
WWPDB D_1292120680 ?            ?                   
# 
loop_
_pdbx_audit_revision_history.ordinal 
_pdbx_audit_revision_history.data_content_type 
_pdbx_audit_revision_history.major_revision 
_pdbx_audit_revision_history.minor_revision 
_pdbx_audit_revision_history.revision_date 
1 'Structure model' 1 0 2023-03-29 
2 'Structure model' 1 1 2023-10-11 
3 'Structure model' 1 2 2024-02-07 
# 
_pdbx_audit_revision_details.ordinal             1 
_pdbx_audit_revision_details.revision_ordinal    1 
_pdbx_audit_revision_details.data_content_type   'Structure model' 
_pdbx_audit_revision_details.provider            repository 
_pdbx_audit_revision_details.type                'Initial release' 
_pdbx_audit_revision_details.description         ? 
_pdbx_audit_revision_details.details             ? 
# 
loop_
_pdbx_audit_revision_group.ordinal 
_pdbx_audit_revision_group.revision_ordinal 
_pdbx_audit_revision_group.data_content_type 
_pdbx_audit_revision_group.group 
1 2 'Structure model' 'Data collection'        
2 2 'Structure model' 'Database references'    
3 3 'Structure model' 'Refinement description' 
# 
loop_
_pdbx_audit_revision_category.ordinal 
_pdbx_audit_revision_category.revision_ordinal 
_pdbx_audit_revision_category.data_content_type 
_pdbx_audit_revision_category.category 
1 2 'Structure model' chem_comp_atom                
2 2 'Structure model' chem_comp_bond                
3 2 'Structure model' citation                      
4 2 'Structure model' citation_author               
5 3 'Structure model' pdbx_initial_refinement_model 
# 
loop_
_pdbx_audit_revision_item.ordinal 
_pdbx_audit_revision_item.revision_ordinal 
_pdbx_audit_revision_item.data_content_type 
_pdbx_audit_revision_item.item 
1  2 'Structure model' '_citation.journal_abbrev'          
2  2 'Structure model' '_citation.journal_id_CSD'          
3  2 'Structure model' '_citation.journal_id_ISSN'         
4  2 'Structure model' '_citation.journal_volume'          
5  2 'Structure model' '_citation.page_first'              
6  2 'Structure model' '_citation.page_last'               
7  2 'Structure model' '_citation.pdbx_database_id_DOI'    
8  2 'Structure model' '_citation.pdbx_database_id_PubMed' 
9  2 'Structure model' '_citation.title'                   
10 2 'Structure model' '_citation.year'                    
# 
_pdbx_database_status.status_code                     REL 
_pdbx_database_status.status_code_sf                  REL 
_pdbx_database_status.status_code_mr                  ? 
_pdbx_database_status.entry_id                        7Z7Z 
_pdbx_database_status.recvd_initial_deposition_date   2022-03-16 
_pdbx_database_status.SG_entry                        N 
_pdbx_database_status.deposit_site                    PDBE 
_pdbx_database_status.process_site                    PDBE 
_pdbx_database_status.status_code_cs                  ? 
_pdbx_database_status.status_code_nmr_data            ? 
_pdbx_database_status.methods_development_category    ? 
_pdbx_database_status.pdb_format_compatible           Y 
# 
_pdbx_database_related.db_name        PDB 
_pdbx_database_related.details        . 
_pdbx_database_related.db_id          6ROS 
_pdbx_database_related.content_type   unspecified 
# 
_pdbx_contact_author.id                 2 
_pdbx_contact_author.email              bohdan@ibt.cas.cz 
_pdbx_contact_author.name_first         Bohdan 
_pdbx_contact_author.name_last          Schneider 
_pdbx_contact_author.name_mi            ? 
_pdbx_contact_author.role               'principal investigator/group leader' 
_pdbx_contact_author.identifier_ORCID   0000-0001-7855-3690 
# 
loop_
_audit_author.name 
_audit_author.pdbx_ordinal 
_audit_author.identifier_ORCID 
'Svoboda, J.'   1 0000-0003-3056-2357 
'Schneider, B.' 2 0000-0001-7855-3690 
'Berdar, D.'    3 ?                   
'Kolenko, P.'   4 0000-0002-4619-9276 
# 
_citation.abstract                  ? 
_citation.abstract_id_CAS           ? 
_citation.book_id_ISBN              ? 
_citation.book_publisher            ? 
_citation.book_publisher_city       ? 
_citation.book_title                ? 
_citation.coordinate_linkage        ? 
_citation.country                   ? 
_citation.database_id_Medline       ? 
_citation.details                   ? 
_citation.id                        primary 
_citation.journal_abbrev            'Acta Crystallogr D Struct Biol' 
_citation.journal_id_ASTM           ? 
_citation.journal_id_CSD            ? 
_citation.journal_id_ISSN           2059-7983 
_citation.journal_full              ? 
_citation.journal_issue             ? 
_citation.journal_volume            79 
_citation.language                  ? 
_citation.page_first                655 
_citation.page_last                 665 
_citation.title                     'Conformation-based refinement of 18-mer DNA structures.' 
_citation.year                      2023 
_citation.database_id_CSD           ? 
_citation.pdbx_database_id_DOI      10.1107/S2059798323004679 
_citation.pdbx_database_id_PubMed   37338420 
_citation.pdbx_database_id_patent   ? 
_citation.unpublished_flag          ? 
# 
loop_
_citation_author.citation_id 
_citation_author.name 
_citation_author.ordinal 
_citation_author.identifier_ORCID 
primary 'Svoboda, J.'   1 0000-0003-3056-2357 
primary 'Berdar, D.'    2 ?                   
primary 'Kolenko, P.'   3 0000-0002-4619-9276 
primary 'Cerny, J.'     4 0000-0002-1969-9304 
primary 'Novakova, Z.'  5 0000-0001-9804-6346 
primary 'Pavlicek, J.'  6 ?                   
primary 'Schneider, B.' 7 0000-0001-7855-3690 
# 
loop_
_entity.id 
_entity.type 
_entity.src_method 
_entity.pdbx_description 
_entity.formula_weight 
_entity.pdbx_number_of_molecules 
_entity.pdbx_ec 
_entity.pdbx_mutation 
_entity.pdbx_fragment 
_entity.details 
1 polymer     syn 'Chom18-TA DNA' 5518.554 1 ? ? ? ? 
2 non-polymer syn 'STRONTIUM ION' 87.620   1 ? ? ? ? 
# 
_entity_poly.entity_id                      1 
_entity_poly.type                           polydeoxyribonucleotide 
_entity_poly.nstd_linkage                   no 
_entity_poly.nstd_monomer                   no 
_entity_poly.pdbx_seq_one_letter_code       '(DG)(DG)(DT)(DG)(DG)(DG)(DG)(DC)(DT)(DA)(DG)(DC)(DC)(DC)(DC)(DA)(DC)(DC)' 
_entity_poly.pdbx_seq_one_letter_code_can   GGTGGGGCTAGCCCCACC 
_entity_poly.pdbx_strand_id                 A 
_entity_poly.pdbx_target_identifier         ? 
# 
_pdbx_entity_nonpoly.entity_id   2 
_pdbx_entity_nonpoly.name        'STRONTIUM ION' 
_pdbx_entity_nonpoly.comp_id     SR 
# 
loop_
_entity_poly_seq.entity_id 
_entity_poly_seq.num 
_entity_poly_seq.mon_id 
_entity_poly_seq.hetero 
1 1  DG n 
1 2  DG n 
1 3  DT n 
1 4  DG n 
1 5  DG n 
1 6  DG n 
1 7  DG n 
1 8  DC n 
1 9  DT n 
1 10 DA n 
1 11 DG n 
1 12 DC n 
1 13 DC n 
1 14 DC n 
1 15 DC n 
1 16 DA n 
1 17 DC n 
1 18 DC n 
# 
_pdbx_entity_src_syn.entity_id              1 
_pdbx_entity_src_syn.pdbx_src_id            1 
_pdbx_entity_src_syn.pdbx_alt_source_flag   sample 
_pdbx_entity_src_syn.pdbx_beg_seq_num       1 
_pdbx_entity_src_syn.pdbx_end_seq_num       18 
_pdbx_entity_src_syn.organism_scientific    'Cardiobacterium hominis' 
_pdbx_entity_src_syn.organism_common_name   ? 
_pdbx_entity_src_syn.ncbi_taxonomy_id       2718 
_pdbx_entity_src_syn.details                ? 
# 
loop_
_chem_comp.id 
_chem_comp.type 
_chem_comp.mon_nstd_flag 
_chem_comp.name 
_chem_comp.pdbx_synonyms 
_chem_comp.formula 
_chem_comp.formula_weight 
DA 'DNA linking' y "2'-DEOXYADENOSINE-5'-MONOPHOSPHATE" ? 'C10 H14 N5 O6 P' 331.222 
DC 'DNA linking' y "2'-DEOXYCYTIDINE-5'-MONOPHOSPHATE"  ? 'C9 H14 N3 O7 P'  307.197 
DG 'DNA linking' y "2'-DEOXYGUANOSINE-5'-MONOPHOSPHATE" ? 'C10 H14 N5 O7 P' 347.221 
DT 'DNA linking' y "THYMIDINE-5'-MONOPHOSPHATE"         ? 'C10 H15 N2 O8 P' 322.208 
SR non-polymer   . 'STRONTIUM ION'                      ? 'Sr 2'            87.620  
# 
loop_
_pdbx_poly_seq_scheme.asym_id 
_pdbx_poly_seq_scheme.entity_id 
_pdbx_poly_seq_scheme.seq_id 
_pdbx_poly_seq_scheme.mon_id 
_pdbx_poly_seq_scheme.ndb_seq_num 
_pdbx_poly_seq_scheme.pdb_seq_num 
_pdbx_poly_seq_scheme.auth_seq_num 
_pdbx_poly_seq_scheme.pdb_mon_id 
_pdbx_poly_seq_scheme.auth_mon_id 
_pdbx_poly_seq_scheme.pdb_strand_id 
_pdbx_poly_seq_scheme.pdb_ins_code 
_pdbx_poly_seq_scheme.hetero 
A 1 1  DG 1  1  1  DG DG A . n 
A 1 2  DG 2  2  2  DG DG A . n 
A 1 3  DT 3  3  3  DT DT A . n 
A 1 4  DG 4  4  4  DG DG A . n 
A 1 5  DG 5  5  5  DG DG A . n 
A 1 6  DG 6  6  6  DG DG A . n 
A 1 7  DG 7  7  7  DG DG A . n 
A 1 8  DC 8  8  8  DC DC A . n 
A 1 9  DT 9  9  9  DT DT A . n 
A 1 10 DA 10 10 10 DA DA A . n 
A 1 11 DG 11 11 11 DG DG A . n 
A 1 12 DC 12 12 12 DC DC A . n 
A 1 13 DC 13 13 13 DC DC A . n 
A 1 14 DC 14 14 14 DC DC A . n 
A 1 15 DC 15 15 15 DC DC A . n 
A 1 16 DA 16 16 16 DA DA A . n 
A 1 17 DC 17 17 17 DC DC A . n 
A 1 18 DC 18 18 18 DC DC A . n 
# 
_pdbx_nonpoly_scheme.asym_id         B 
_pdbx_nonpoly_scheme.entity_id       2 
_pdbx_nonpoly_scheme.mon_id          SR 
_pdbx_nonpoly_scheme.ndb_seq_num     1 
_pdbx_nonpoly_scheme.pdb_seq_num     101 
_pdbx_nonpoly_scheme.auth_seq_num    102 
_pdbx_nonpoly_scheme.pdb_mon_id      SR 
_pdbx_nonpoly_scheme.auth_mon_id     SR 
_pdbx_nonpoly_scheme.pdb_strand_id   A 
_pdbx_nonpoly_scheme.pdb_ins_code    . 
# 
loop_
_software.citation_id 
_software.classification 
_software.compiler_name 
_software.compiler_version 
_software.contact_author 
_software.contact_author_email 
_software.date 
_software.description 
_software.dependencies 
_software.hardware 
_software.language 
_software.location 
_software.mods 
_software.name 
_software.os 
_software.os_version 
_software.type 
_software.version 
_software.pdbx_ordinal 
? refinement       ? ? ? ? ? ? ? ? ? ? ? PHENIX  ? ? ? 1.19.2_4158 1 
? 'data reduction' ? ? ? ? ? ? ? ? ? ? ? XDS     ? ? ? .           2 
? 'data scaling'   ? ? ? ? ? ? ? ? ? ? ? Aimless ? ? ? .           3 
? phasing          ? ? ? ? ? ? ? ? ? ? ? PHASER  ? ? ? .           4 
# 
_cell.angle_alpha                  90.000 
_cell.angle_alpha_esd              ? 
_cell.angle_beta                   90.000 
_cell.angle_beta_esd               ? 
_cell.angle_gamma                  90.000 
_cell.angle_gamma_esd              ? 
_cell.entry_id                     7Z7Z 
_cell.details                      ? 
_cell.formula_units_Z              ? 
_cell.length_a                     38.477 
_cell.length_a_esd                 ? 
_cell.length_b                     38.477 
_cell.length_b_esd                 ? 
_cell.length_c                     90.331 
_cell.length_c_esd                 ? 
_cell.volume                       133733.196 
_cell.volume_esd                   ? 
_cell.Z_PDB                        8 
_cell.reciprocal_angle_alpha       ? 
_cell.reciprocal_angle_beta        ? 
_cell.reciprocal_angle_gamma       ? 
_cell.reciprocal_angle_alpha_esd   ? 
_cell.reciprocal_angle_beta_esd    ? 
_cell.reciprocal_angle_gamma_esd   ? 
_cell.reciprocal_length_a          ? 
_cell.reciprocal_length_b          ? 
_cell.reciprocal_length_c          ? 
_cell.reciprocal_length_a_esd      ? 
_cell.reciprocal_length_b_esd      ? 
_cell.reciprocal_length_c_esd      ? 
_cell.pdbx_unique_axis             ? 
# 
_symmetry.entry_id                         7Z7Z 
_symmetry.cell_setting                     ? 
_symmetry.Int_Tables_number                96 
_symmetry.space_group_name_Hall            'P 4nw 2abw' 
_symmetry.space_group_name_H-M             'P 43 21 2' 
_symmetry.pdbx_full_space_group_name_H-M   ? 
# 
_exptl.absorpt_coefficient_mu     ? 
_exptl.absorpt_correction_T_max   ? 
_exptl.absorpt_correction_T_min   ? 
_exptl.absorpt_correction_type    ? 
_exptl.absorpt_process_details    ? 
_exptl.entry_id                   7Z7Z 
_exptl.crystals_number            1 
_exptl.details                    ? 
_exptl.method                     'X-RAY DIFFRACTION' 
_exptl.method_details             ? 
# 
_exptl_crystal.colour                      ? 
_exptl_crystal.density_diffrn              ? 
_exptl_crystal.density_Matthews            3.03 
_exptl_crystal.density_method              ? 
_exptl_crystal.density_percent_sol         59.39 
_exptl_crystal.description                 ? 
_exptl_crystal.F_000                       ? 
_exptl_crystal.id                          1 
_exptl_crystal.preparation                 ? 
_exptl_crystal.size_max                    ? 
_exptl_crystal.size_mid                    ? 
_exptl_crystal.size_min                    ? 
_exptl_crystal.size_rad                    ? 
_exptl_crystal.colour_lustre               ? 
_exptl_crystal.colour_modifier             ? 
_exptl_crystal.colour_primary              ? 
_exptl_crystal.density_meas                ? 
_exptl_crystal.density_meas_esd            ? 
_exptl_crystal.density_meas_gt             ? 
_exptl_crystal.density_meas_lt             ? 
_exptl_crystal.density_meas_temp           ? 
_exptl_crystal.density_meas_temp_esd       ? 
_exptl_crystal.density_meas_temp_gt        ? 
_exptl_crystal.density_meas_temp_lt        ? 
_exptl_crystal.pdbx_crystal_image_url      ? 
_exptl_crystal.pdbx_crystal_image_format   ? 
_exptl_crystal.pdbx_mosaicity              ? 
_exptl_crystal.pdbx_mosaicity_esd          ? 
# 
_exptl_crystal_grow.apparatus       ? 
_exptl_crystal_grow.atmosphere      ? 
_exptl_crystal_grow.crystal_id      1 
_exptl_crystal_grow.details         ? 
_exptl_crystal_grow.method          'VAPOR DIFFUSION, HANGING DROP' 
_exptl_crystal_grow.method_ref      ? 
_exptl_crystal_grow.pH              6.5 
_exptl_crystal_grow.pressure        ? 
_exptl_crystal_grow.pressure_esd    ? 
_exptl_crystal_grow.seeding         ? 
_exptl_crystal_grow.seeding_ref     ? 
_exptl_crystal_grow.temp            293 
_exptl_crystal_grow.temp_details    ? 
_exptl_crystal_grow.temp_esd        ? 
_exptl_crystal_grow.time            ? 
_exptl_crystal_grow.pdbx_details    
;Natrix crystallization screen (Hampton Research)
precipitant 18-22% (+/-)-2-Methyl-2,4-pentanediol
buffer 0.04 M Sodium cacodylate trihydrate
salt 0.04 M Magnezium chloride hexahydrate
0.08 M Strontium chloride hexahydrate
additive 0.012 M spermine tetrahydrochloride
;
_exptl_crystal_grow.pdbx_pH_range   ? 
# 
_diffrn.ambient_environment              ? 
_diffrn.ambient_temp                     100 
_diffrn.ambient_temp_details             ? 
_diffrn.ambient_temp_esd                 ? 
_diffrn.crystal_id                       1 
_diffrn.crystal_support                  ? 
_diffrn.crystal_treatment                ? 
_diffrn.details                          ? 
_diffrn.id                               1 
_diffrn.ambient_pressure                 ? 
_diffrn.ambient_pressure_esd             ? 
_diffrn.ambient_pressure_gt              ? 
_diffrn.ambient_pressure_lt              ? 
_diffrn.ambient_temp_gt                  ? 
_diffrn.ambient_temp_lt                  ? 
_diffrn.pdbx_serial_crystal_experiment   N 
# 
_diffrn_detector.details                      ? 
_diffrn_detector.detector                     PIXEL 
_diffrn_detector.diffrn_id                    1 
_diffrn_detector.type                         'DECTRIS PILATUS 6M' 
_diffrn_detector.area_resol_mean              ? 
_diffrn_detector.dtime                        ? 
_diffrn_detector.pdbx_frames_total            ? 
_diffrn_detector.pdbx_collection_time_total   ? 
_diffrn_detector.pdbx_collection_date         2021-07-22 
_diffrn_detector.pdbx_frequency               ? 
# 
_diffrn_radiation.collimation                      ? 
_diffrn_radiation.diffrn_id                        1 
_diffrn_radiation.filter_edge                      ? 
_diffrn_radiation.inhomogeneity                    ? 
_diffrn_radiation.monochromator                    'Si (111)' 
_diffrn_radiation.polarisn_norm                    ? 
_diffrn_radiation.polarisn_ratio                   ? 
_diffrn_radiation.probe                            ? 
_diffrn_radiation.type                             ? 
_diffrn_radiation.xray_symbol                      ? 
_diffrn_radiation.wavelength_id                    1 
_diffrn_radiation.pdbx_monochromatic_or_laue_m_l   M 
_diffrn_radiation.pdbx_wavelength_list             ? 
_diffrn_radiation.pdbx_wavelength                  ? 
_diffrn_radiation.pdbx_diffrn_protocol             'SINGLE WAVELENGTH' 
_diffrn_radiation.pdbx_analyzer                    ? 
_diffrn_radiation.pdbx_scattering_type             x-ray 
# 
_diffrn_radiation_wavelength.id           1 
_diffrn_radiation_wavelength.wavelength   0.9184 
_diffrn_radiation_wavelength.wt           1.0 
# 
_diffrn_source.current                     ? 
_diffrn_source.details                     ? 
_diffrn_source.diffrn_id                   1 
_diffrn_source.power                       ? 
_diffrn_source.size                        ? 
_diffrn_source.source                      SYNCHROTRON 
_diffrn_source.target                      ? 
_diffrn_source.type                        'BESSY BEAMLINE 14.1' 
_diffrn_source.voltage                     ? 
_diffrn_source.take-off_angle              ? 
_diffrn_source.pdbx_wavelength_list        0.9184 
_diffrn_source.pdbx_wavelength             ? 
_diffrn_source.pdbx_synchrotron_beamline   14.1 
_diffrn_source.pdbx_synchrotron_site       BESSY 
# 
_reflns.B_iso_Wilson_estimate                          104.57 
_reflns.entry_id                                       7Z7Z 
_reflns.data_reduction_details                         ? 
_reflns.data_reduction_method                          ? 
_reflns.d_resolution_high                              2.60 
_reflns.d_resolution_low                               45.17 
_reflns.details                                        ? 
_reflns.limit_h_max                                    ? 
_reflns.limit_h_min                                    ? 
_reflns.limit_k_max                                    ? 
_reflns.limit_k_min                                    ? 
_reflns.limit_l_max                                    ? 
_reflns.limit_l_min                                    ? 
_reflns.number_all                                     ? 
_reflns.number_obs                                     2394 
_reflns.observed_criterion                             ? 
_reflns.observed_criterion_F_max                       ? 
_reflns.observed_criterion_F_min                       ? 
_reflns.observed_criterion_I_max                       ? 
_reflns.observed_criterion_I_min                       ? 
_reflns.observed_criterion_sigma_F                     ? 
_reflns.observed_criterion_sigma_I                     ? 
_reflns.percent_possible_obs                           100 
_reflns.R_free_details                                 ? 
_reflns.Rmerge_F_all                                   ? 
_reflns.Rmerge_F_obs                                   ? 
_reflns.Friedel_coverage                               ? 
_reflns.number_gt                                      ? 
_reflns.threshold_expression                           ? 
_reflns.pdbx_redundancy                                11.3 
_reflns.pdbx_Rmerge_I_obs                              0.043 
_reflns.pdbx_Rmerge_I_all                              ? 
_reflns.pdbx_Rsym_value                                ? 
_reflns.pdbx_netI_over_av_sigmaI                       ? 
_reflns.pdbx_netI_over_sigmaI                          15.2 
_reflns.pdbx_res_netI_over_av_sigmaI_2                 ? 
_reflns.pdbx_res_netI_over_sigmaI_2                    ? 
_reflns.pdbx_chi_squared                               1.07 
_reflns.pdbx_scaling_rejects                           ? 
_reflns.pdbx_d_res_high_opt                            ? 
_reflns.pdbx_d_res_low_opt                             ? 
_reflns.pdbx_d_res_opt_method                          ? 
_reflns.phase_calculation_details                      ? 
_reflns.pdbx_Rrim_I_all                                0.046 
_reflns.pdbx_Rpim_I_all                                0.015 
_reflns.pdbx_d_opt                                     ? 
_reflns.pdbx_number_measured_all                       ? 
_reflns.pdbx_diffrn_id                                 1 
_reflns.pdbx_ordinal                                   1 
_reflns.pdbx_CC_half                                   0.999 
_reflns.pdbx_CC_star                                   ? 
_reflns.pdbx_R_split                                   ? 
_reflns.pdbx_aniso_diffraction_limit_axis_1_ortho[1]   ? 
_reflns.pdbx_aniso_diffraction_limit_axis_1_ortho[2]   ? 
_reflns.pdbx_aniso_diffraction_limit_axis_1_ortho[3]   ? 
_reflns.pdbx_aniso_diffraction_limit_axis_2_ortho[1]   ? 
_reflns.pdbx_aniso_diffraction_limit_axis_2_ortho[2]   ? 
_reflns.pdbx_aniso_diffraction_limit_axis_2_ortho[3]   ? 
_reflns.pdbx_aniso_diffraction_limit_axis_3_ortho[1]   ? 
_reflns.pdbx_aniso_diffraction_limit_axis_3_ortho[2]   ? 
_reflns.pdbx_aniso_diffraction_limit_axis_3_ortho[3]   ? 
_reflns.pdbx_aniso_diffraction_limit_1                 ? 
_reflns.pdbx_aniso_diffraction_limit_2                 ? 
_reflns.pdbx_aniso_diffraction_limit_3                 ? 
_reflns.pdbx_aniso_B_tensor_eigenvector_1_ortho[1]     ? 
_reflns.pdbx_aniso_B_tensor_eigenvector_1_ortho[2]     ? 
_reflns.pdbx_aniso_B_tensor_eigenvector_1_ortho[3]     ? 
_reflns.pdbx_aniso_B_tensor_eigenvector_2_ortho[1]     ? 
_reflns.pdbx_aniso_B_tensor_eigenvector_2_ortho[2]     ? 
_reflns.pdbx_aniso_B_tensor_eigenvector_2_ortho[3]     ? 
_reflns.pdbx_aniso_B_tensor_eigenvector_3_ortho[1]     ? 
_reflns.pdbx_aniso_B_tensor_eigenvector_3_ortho[2]     ? 
_reflns.pdbx_aniso_B_tensor_eigenvector_3_ortho[3]     ? 
_reflns.pdbx_aniso_B_tensor_eigenvalue_1               ? 
_reflns.pdbx_aniso_B_tensor_eigenvalue_2               ? 
_reflns.pdbx_aniso_B_tensor_eigenvalue_3               ? 
_reflns.pdbx_orthogonalization_convention              ? 
_reflns.pdbx_percent_possible_ellipsoidal              ? 
_reflns.pdbx_percent_possible_spherical                ? 
_reflns.pdbx_percent_possible_ellipsoidal_anomalous    ? 
_reflns.pdbx_percent_possible_spherical_anomalous      ? 
_reflns.pdbx_redundancy_anomalous                      ? 
_reflns.pdbx_CC_half_anomalous                         ? 
_reflns.pdbx_absDiff_over_sigma_anomalous              ? 
_reflns.pdbx_percent_possible_anomalous                ? 
_reflns.pdbx_observed_signal_threshold                 ? 
_reflns.pdbx_signal_type                               ? 
_reflns.pdbx_signal_details                            ? 
_reflns.pdbx_signal_software_id                        ? 
# 
_reflns_shell.d_res_high                                    2.60 
_reflns_shell.d_res_low                                     2.73 
_reflns_shell.meanI_over_sigI_all                           ? 
_reflns_shell.meanI_over_sigI_obs                           2.0 
_reflns_shell.number_measured_all                           ? 
_reflns_shell.number_measured_obs                           ? 
_reflns_shell.number_possible                               ? 
_reflns_shell.number_unique_all                             ? 
_reflns_shell.number_unique_obs                             308 
_reflns_shell.percent_possible_all                          100 
_reflns_shell.percent_possible_obs                          ? 
_reflns_shell.Rmerge_F_all                                  ? 
_reflns_shell.Rmerge_F_obs                                  ? 
_reflns_shell.Rmerge_I_all                                  ? 
_reflns_shell.Rmerge_I_obs                                  1.596 
_reflns_shell.meanI_over_sigI_gt                            ? 
_reflns_shell.meanI_over_uI_all                             ? 
_reflns_shell.meanI_over_uI_gt                              ? 
_reflns_shell.number_measured_gt                            ? 
_reflns_shell.number_unique_gt                              ? 
_reflns_shell.percent_possible_gt                           ? 
_reflns_shell.Rmerge_F_gt                                   ? 
_reflns_shell.Rmerge_I_gt                                   ? 
_reflns_shell.pdbx_redundancy                               11.7 
_reflns_shell.pdbx_Rsym_value                               ? 
_reflns_shell.pdbx_chi_squared                              1.40 
_reflns_shell.pdbx_netI_over_sigmaI_all                     ? 
_reflns_shell.pdbx_netI_over_sigmaI_obs                     ? 
_reflns_shell.pdbx_Rrim_I_all                               1.670 
_reflns_shell.pdbx_Rpim_I_all                               0.483 
_reflns_shell.pdbx_rejects                                  ? 
_reflns_shell.pdbx_ordinal                                  1 
_reflns_shell.pdbx_diffrn_id                                1 
_reflns_shell.pdbx_CC_half                                  0.618 
_reflns_shell.pdbx_CC_star                                  ? 
_reflns_shell.pdbx_R_split                                  ? 
_reflns_shell.pdbx_percent_possible_ellipsoidal             ? 
_reflns_shell.pdbx_percent_possible_spherical               ? 
_reflns_shell.pdbx_percent_possible_ellipsoidal_anomalous   ? 
_reflns_shell.pdbx_percent_possible_spherical_anomalous     ? 
_reflns_shell.pdbx_redundancy_anomalous                     ? 
_reflns_shell.pdbx_CC_half_anomalous                        ? 
_reflns_shell.pdbx_absDiff_over_sigma_anomalous             ? 
_reflns_shell.pdbx_percent_possible_anomalous               ? 
# 
_refine.aniso_B[1][1]                            ? 
_refine.aniso_B[1][2]                            ? 
_refine.aniso_B[1][3]                            ? 
_refine.aniso_B[2][2]                            ? 
_refine.aniso_B[2][3]                            ? 
_refine.aniso_B[3][3]                            ? 
_refine.B_iso_max                                ? 
_refine.B_iso_mean                               101.88 
_refine.B_iso_min                                ? 
_refine.correlation_coeff_Fo_to_Fc               ? 
_refine.correlation_coeff_Fo_to_Fc_free          ? 
_refine.details                                  ? 
_refine.diff_density_max                         ? 
_refine.diff_density_max_esd                     ? 
_refine.diff_density_min                         ? 
_refine.diff_density_min_esd                     ? 
_refine.diff_density_rms                         ? 
_refine.diff_density_rms_esd                     ? 
_refine.entry_id                                 7Z7Z 
_refine.pdbx_refine_id                           'X-RAY DIFFRACTION' 
_refine.ls_abs_structure_details                 ? 
_refine.ls_abs_structure_Flack                   ? 
_refine.ls_abs_structure_Flack_esd               ? 
_refine.ls_abs_structure_Rogers                  ? 
_refine.ls_abs_structure_Rogers_esd              ? 
_refine.ls_d_res_high                            2.90 
_refine.ls_d_res_low                             35.40 
_refine.ls_extinction_coef                       ? 
_refine.ls_extinction_coef_esd                   ? 
_refine.ls_extinction_expression                 ? 
_refine.ls_extinction_method                     ? 
_refine.ls_goodness_of_fit_all                   ? 
_refine.ls_goodness_of_fit_all_esd               ? 
_refine.ls_goodness_of_fit_obs                   ? 
_refine.ls_goodness_of_fit_obs_esd               ? 
_refine.ls_hydrogen_treatment                    ? 
_refine.ls_matrix_type                           ? 
_refine.ls_number_constraints                    ? 
_refine.ls_number_parameters                     ? 
_refine.ls_number_reflns_all                     ? 
_refine.ls_number_reflns_obs                     1731 
_refine.ls_number_reflns_R_free                  94 
_refine.ls_number_reflns_R_work                  0 
_refine.ls_number_restraints                     ? 
_refine.ls_percent_reflns_obs                    99.94 
_refine.ls_percent_reflns_R_free                 5 
_refine.ls_R_factor_all                          ? 
_refine.ls_R_factor_obs                          0.2691 
_refine.ls_R_factor_R_free                       0.3081 
_refine.ls_R_factor_R_free_error                 ? 
_refine.ls_R_factor_R_free_error_details         ? 
_refine.ls_R_factor_R_work                       0.2642 
_refine.ls_R_Fsqd_factor_obs                     ? 
_refine.ls_R_I_factor_obs                        ? 
_refine.ls_redundancy_reflns_all                 ? 
_refine.ls_redundancy_reflns_obs                 ? 
_refine.ls_restrained_S_all                      ? 
_refine.ls_restrained_S_obs                      ? 
_refine.ls_shift_over_esd_max                    ? 
_refine.ls_shift_over_esd_mean                   ? 
_refine.ls_structure_factor_coef                 ? 
_refine.ls_weighting_details                     ? 
_refine.ls_weighting_scheme                      ? 
_refine.ls_wR_factor_all                         ? 
_refine.ls_wR_factor_obs                         ? 
_refine.ls_wR_factor_R_free                      ? 
_refine.ls_wR_factor_R_work                      ? 
_refine.occupancy_max                            ? 
_refine.occupancy_min                            ? 
_refine.solvent_model_details                    'FLAT BULK SOLVENT MODEL' 
_refine.solvent_model_param_bsol                 ? 
_refine.solvent_model_param_ksol                 ? 
_refine.pdbx_R_complete                          ? 
_refine.ls_R_factor_gt                           ? 
_refine.ls_goodness_of_fit_gt                    ? 
_refine.ls_goodness_of_fit_ref                   ? 
_refine.ls_shift_over_su_max                     ? 
_refine.ls_shift_over_su_max_lt                  ? 
_refine.ls_shift_over_su_mean                    ? 
_refine.ls_shift_over_su_mean_lt                 ? 
_refine.pdbx_ls_sigma_I                          ? 
_refine.pdbx_ls_sigma_F                          1.34 
_refine.pdbx_ls_sigma_Fsqd                       ? 
_refine.pdbx_data_cutoff_high_absF               ? 
_refine.pdbx_data_cutoff_high_rms_absF           ? 
_refine.pdbx_data_cutoff_low_absF                ? 
_refine.pdbx_isotropic_thermal_model             ? 
_refine.pdbx_ls_cross_valid_method               'FREE R-VALUE' 
_refine.pdbx_method_to_determine_struct          'MOLECULAR REPLACEMENT' 
_refine.pdbx_starting_model                      6ROS 
_refine.pdbx_stereochemistry_target_values       'GeoStd + Monomer Library + CDL v1.2' 
_refine.pdbx_R_Free_selection_details            Randomz 
_refine.pdbx_stereochem_target_val_spec_case     ? 
_refine.pdbx_overall_ESU_R                       ? 
_refine.pdbx_overall_ESU_R_Free                  ? 
_refine.pdbx_solvent_vdw_probe_radii             1.1100 
_refine.pdbx_solvent_ion_probe_radii             ? 
_refine.pdbx_solvent_shrinkage_radii             0.9000 
_refine.pdbx_real_space_R                        ? 
_refine.pdbx_density_correlation                 ? 
_refine.pdbx_pd_number_of_powder_patterns        ? 
_refine.pdbx_pd_number_of_points                 ? 
_refine.pdbx_pd_meas_number_of_points            ? 
_refine.pdbx_pd_proc_ls_prof_R_factor            ? 
_refine.pdbx_pd_proc_ls_prof_wR_factor           ? 
_refine.pdbx_pd_Marquardt_correlation_coeff      ? 
_refine.pdbx_pd_Fsqrd_R_factor                   ? 
_refine.pdbx_pd_ls_matrix_band_width             ? 
_refine.pdbx_overall_phase_error                 34.0951 
_refine.pdbx_overall_SU_R_free_Cruickshank_DPI   ? 
_refine.pdbx_overall_SU_R_free_Blow_DPI          ? 
_refine.pdbx_overall_SU_R_Blow_DPI               ? 
_refine.pdbx_TLS_residual_ADP_flag               ? 
_refine.pdbx_diffrn_id                           1 
_refine.overall_SU_B                             ? 
_refine.overall_SU_ML                            0.5398 
_refine.overall_SU_R_Cruickshank_DPI             ? 
_refine.overall_SU_R_free                        ? 
_refine.overall_FOM_free_R_set                   ? 
_refine.overall_FOM_work_R_set                   ? 
_refine.pdbx_average_fsc_overall                 ? 
_refine.pdbx_average_fsc_work                    ? 
_refine.pdbx_average_fsc_free                    ? 
# 
_refine_hist.pdbx_refine_id                   'X-RAY DIFFRACTION' 
_refine_hist.cycle_id                         LAST 
_refine_hist.details                          ? 
_refine_hist.d_res_high                       2.90 
_refine_hist.d_res_low                        35.40 
_refine_hist.number_atoms_solvent             0 
_refine_hist.number_atoms_total               367 
_refine_hist.number_reflns_all                ? 
_refine_hist.number_reflns_obs                ? 
_refine_hist.number_reflns_R_free             ? 
_refine_hist.number_reflns_R_work             ? 
_refine_hist.R_factor_all                     ? 
_refine_hist.R_factor_obs                     ? 
_refine_hist.R_factor_R_free                  ? 
_refine_hist.R_factor_R_work                  ? 
_refine_hist.pdbx_number_residues_total       ? 
_refine_hist.pdbx_B_iso_mean_ligand           ? 
_refine_hist.pdbx_B_iso_mean_solvent          ? 
_refine_hist.pdbx_number_atoms_protein        0 
_refine_hist.pdbx_number_atoms_nucleic_acid   366 
_refine_hist.pdbx_number_atoms_ligand         1 
_refine_hist.pdbx_number_atoms_lipid          ? 
_refine_hist.pdbx_number_atoms_carb           ? 
_refine_hist.pdbx_pseudo_atom_details         ? 
# 
loop_
_refine_ls_restr.pdbx_refine_id 
_refine_ls_restr.criterion 
_refine_ls_restr.dev_ideal 
_refine_ls_restr.dev_ideal_target 
_refine_ls_restr.number 
_refine_ls_restr.rejects 
_refine_ls_restr.type 
_refine_ls_restr.weight 
_refine_ls_restr.pdbx_restraint_function 
'X-RAY DIFFRACTION' ? 0.0086  ? 410 ? f_bond_d           ? ? 
'X-RAY DIFFRACTION' ? 0.8258  ? 631 ? f_angle_d          ? ? 
'X-RAY DIFFRACTION' ? 0.0413  ? 71  ? f_chiral_restr     ? ? 
'X-RAY DIFFRACTION' ? 0.0026  ? 18  ? f_plane_restr      ? ? 
'X-RAY DIFFRACTION' ? 18.8307 ? 176 ? f_dihedral_angle_d ? ? 
# 
_refine_ls_shell.pdbx_refine_id                   'X-RAY DIFFRACTION' 
_refine_ls_shell.d_res_high                       2.90 
_refine_ls_shell.d_res_low                        2.99 
_refine_ls_shell.number_reflns_all                ? 
_refine_ls_shell.number_reflns_obs                ? 
_refine_ls_shell.number_reflns_R_free             9 
_refine_ls_shell.number_reflns_R_work             154 
_refine_ls_shell.percent_reflns_obs               100.00 
_refine_ls_shell.percent_reflns_R_free            5.5 
_refine_ls_shell.R_factor_all                     ? 
_refine_ls_shell.R_factor_obs                     ? 
_refine_ls_shell.R_factor_R_free                  0.4814 
_refine_ls_shell.R_factor_R_free_error            ? 
_refine_ls_shell.R_factor_R_work                  0.3630 
_refine_ls_shell.redundancy_reflns_all            ? 
_refine_ls_shell.redundancy_reflns_obs            ? 
_refine_ls_shell.wR_factor_all                    ? 
_refine_ls_shell.wR_factor_obs                    ? 
_refine_ls_shell.wR_factor_R_free                 ? 
_refine_ls_shell.wR_factor_R_work                 ? 
_refine_ls_shell.pdbx_R_complete                  ? 
_refine_ls_shell.pdbx_total_number_of_bins_used   ? 
_refine_ls_shell.pdbx_phase_error                 ? 
_refine_ls_shell.pdbx_fsc_work                    ? 
_refine_ls_shell.pdbx_fsc_free                    ? 
# 
_struct.entry_id                     7Z7Z 
_struct.title                        'REP-related Chom18 variant with double TA base pair' 
_struct.pdbx_model_details           ? 
_struct.pdbx_formula_weight          ? 
_struct.pdbx_formula_weight_method   ? 
_struct.pdbx_model_type_details      ? 
_struct.pdbx_CASP_flag               N 
# 
_struct_keywords.entry_id        7Z7Z 
_struct_keywords.text            'Mismatch, Non-canonical, Base pair, Double helix, DNA' 
_struct_keywords.pdbx_keywords   DNA 
# 
loop_
_struct_asym.id 
_struct_asym.pdbx_blank_PDB_chainid_flag 
_struct_asym.pdbx_modified 
_struct_asym.entity_id 
_struct_asym.details 
A N N 1 ? 
B N N 2 ? 
# 
_struct_ref.id                         1 
_struct_ref.db_name                    PDB 
_struct_ref.db_code                    7Z7Z 
_struct_ref.pdbx_db_accession          7Z7Z 
_struct_ref.pdbx_db_isoform            ? 
_struct_ref.entity_id                  1 
_struct_ref.pdbx_seq_one_letter_code   ? 
_struct_ref.pdbx_align_begin           1 
# 
_struct_ref_seq.align_id                      1 
_struct_ref_seq.ref_id                        1 
_struct_ref_seq.pdbx_PDB_id_code              7Z7Z 
_struct_ref_seq.pdbx_strand_id                A 
_struct_ref_seq.seq_align_beg                 1 
_struct_ref_seq.pdbx_seq_align_beg_ins_code   ? 
_struct_ref_seq.seq_align_end                 18 
_struct_ref_seq.pdbx_seq_align_end_ins_code   ? 
_struct_ref_seq.pdbx_db_accession             7Z7Z 
_struct_ref_seq.db_align_beg                  1 
_struct_ref_seq.pdbx_db_align_beg_ins_code    ? 
_struct_ref_seq.db_align_end                  18 
_struct_ref_seq.pdbx_db_align_end_ins_code    ? 
_struct_ref_seq.pdbx_auth_seq_align_beg       1 
_struct_ref_seq.pdbx_auth_seq_align_end       18 
# 
_pdbx_struct_assembly.id                   1 
_pdbx_struct_assembly.details              author_and_software_defined_assembly 
_pdbx_struct_assembly.method_details       PISA 
_pdbx_struct_assembly.oligomeric_details   dimeric 
_pdbx_struct_assembly.oligomeric_count     2 
# 
loop_
_pdbx_struct_assembly_prop.biol_id 
_pdbx_struct_assembly_prop.type 
_pdbx_struct_assembly_prop.value 
_pdbx_struct_assembly_prop.details 
1 'ABSA (A^2)' 2170 ? 
1 MORE         -67  ? 
1 'SSA (A^2)'  6350 ? 
# 
_pdbx_struct_assembly_gen.assembly_id       1 
_pdbx_struct_assembly_gen.oper_expression   1,2 
_pdbx_struct_assembly_gen.asym_id_list      A,B 
# 
_pdbx_struct_assembly_auth_evidence.id                     1 
_pdbx_struct_assembly_auth_evidence.assembly_id            1 
_pdbx_struct_assembly_auth_evidence.experimental_support   none 
_pdbx_struct_assembly_auth_evidence.details                ? 
# 
loop_
_pdbx_struct_oper_list.id 
_pdbx_struct_oper_list.type 
_pdbx_struct_oper_list.name 
_pdbx_struct_oper_list.symmetry_operation 
_pdbx_struct_oper_list.matrix[1][1] 
_pdbx_struct_oper_list.matrix[1][2] 
_pdbx_struct_oper_list.matrix[1][3] 
_pdbx_struct_oper_list.vector[1] 
_pdbx_struct_oper_list.matrix[2][1] 
_pdbx_struct_oper_list.matrix[2][2] 
_pdbx_struct_oper_list.matrix[2][3] 
_pdbx_struct_oper_list.vector[2] 
_pdbx_struct_oper_list.matrix[3][1] 
_pdbx_struct_oper_list.matrix[3][2] 
_pdbx_struct_oper_list.matrix[3][3] 
_pdbx_struct_oper_list.vector[3] 
1 'identity operation'         1_555 x,y,z      1.0000000000 0.0000000000 0.0000000000  0.0000000000 0.0000000000 1.0000000000  0.0000000000  0.0000000000  0.0000000000  0.0000000000  1.0000000000  0.0000000000 
2 'crystal symmetry operation' 7_465 y-1,x+1,-z 0.9256266763 0.3040679919 -0.2252951674 0.3891804925 0.3040679919 -0.9519858419 -0.0355754571 -0.0878558971 -0.2252951674 -0.0355754571 -0.9736408344 3.2078014825 
# 
loop_
_struct_conn.id 
_struct_conn.conn_type_id 
_struct_conn.pdbx_leaving_atom_flag 
_struct_conn.pdbx_PDB_id 
_struct_conn.ptnr1_label_asym_id 
_struct_conn.ptnr1_label_comp_id 
_struct_conn.ptnr1_label_seq_id 
_struct_conn.ptnr1_label_atom_id 
_struct_conn.pdbx_ptnr1_label_alt_id 
_struct_conn.pdbx_ptnr1_PDB_ins_code 
_struct_conn.pdbx_ptnr1_standard_comp_id 
_struct_conn.ptnr1_symmetry 
_struct_conn.ptnr2_label_asym_id 
_struct_conn.ptnr2_label_comp_id 
_struct_conn.ptnr2_label_seq_id 
_struct_conn.ptnr2_label_atom_id 
_struct_conn.pdbx_ptnr2_label_alt_id 
_struct_conn.pdbx_ptnr2_PDB_ins_code 
_struct_conn.ptnr1_auth_asym_id 
_struct_conn.ptnr1_auth_comp_id 
_struct_conn.ptnr1_auth_seq_id 
_struct_conn.ptnr2_auth_asym_id 
_struct_conn.ptnr2_auth_comp_id 
_struct_conn.ptnr2_auth_seq_id 
_struct_conn.ptnr2_symmetry 
_struct_conn.pdbx_ptnr3_label_atom_id 
_struct_conn.pdbx_ptnr3_label_seq_id 
_struct_conn.pdbx_ptnr3_label_comp_id 
_struct_conn.pdbx_ptnr3_label_asym_id 
_struct_conn.pdbx_ptnr3_label_alt_id 
_struct_conn.pdbx_ptnr3_PDB_ins_code 
_struct_conn.details 
_struct_conn.pdbx_dist_value 
_struct_conn.pdbx_value_order 
_struct_conn.pdbx_role 
metalc1  metalc ? ? A DG 7  O6 ? ? ? 1_555 B SR .  SR ? ? A DG 7  A SR 101 7_465 ? ? ? ? ? ? ?                       2.945 ? ? 
hydrog1  hydrog ? ? A DG 1  N1 ? ? ? 1_555 A DC 18 N3 ? ? A DG 1  A DC 18  7_465 ? ? ? ? ? ? WATSON-CRICK            ?     ? ? 
hydrog2  hydrog ? ? A DG 1  N2 ? ? ? 1_555 A DC 18 O2 ? ? A DG 1  A DC 18  7_465 ? ? ? ? ? ? WATSON-CRICK            ?     ? ? 
hydrog3  hydrog ? ? A DG 1  O6 ? ? ? 1_555 A DC 18 N4 ? ? A DG 1  A DC 18  7_465 ? ? ? ? ? ? WATSON-CRICK            ?     ? ? 
hydrog4  hydrog ? ? A DG 2  N1 ? ? ? 1_555 A DC 17 N3 ? ? A DG 2  A DC 17  7_465 ? ? ? ? ? ? WATSON-CRICK            ?     ? ? 
hydrog5  hydrog ? ? A DG 2  N2 ? ? ? 1_555 A DC 17 O2 ? ? A DG 2  A DC 17  7_465 ? ? ? ? ? ? WATSON-CRICK            ?     ? ? 
hydrog6  hydrog ? ? A DG 2  O6 ? ? ? 1_555 A DC 17 N4 ? ? A DG 2  A DC 17  7_465 ? ? ? ? ? ? WATSON-CRICK            ?     ? ? 
hydrog7  hydrog ? ? A DT 3  N3 ? ? ? 1_555 A DA 16 N1 ? ? A DT 3  A DA 16  7_465 ? ? ? ? ? ? WATSON-CRICK            ?     ? ? 
hydrog8  hydrog ? ? A DT 3  O4 ? ? ? 1_555 A DA 16 N6 ? ? A DT 3  A DA 16  7_465 ? ? ? ? ? ? WATSON-CRICK            ?     ? ? 
hydrog9  hydrog ? ? A DG 4  N1 ? ? ? 1_555 A DC 15 N3 ? ? A DG 4  A DC 15  7_465 ? ? ? ? ? ? WATSON-CRICK            ?     ? ? 
hydrog10 hydrog ? ? A DG 4  N2 ? ? ? 1_555 A DC 15 O2 ? ? A DG 4  A DC 15  7_465 ? ? ? ? ? ? WATSON-CRICK            ?     ? ? 
hydrog11 hydrog ? ? A DG 4  O6 ? ? ? 1_555 A DC 15 N4 ? ? A DG 4  A DC 15  7_465 ? ? ? ? ? ? WATSON-CRICK            ?     ? ? 
hydrog12 hydrog ? ? A DG 5  N1 ? ? ? 1_555 A DC 14 N3 ? ? A DG 5  A DC 14  7_465 ? ? ? ? ? ? WATSON-CRICK            ?     ? ? 
hydrog13 hydrog ? ? A DG 5  N2 ? ? ? 1_555 A DC 14 O2 ? ? A DG 5  A DC 14  7_465 ? ? ? ? ? ? WATSON-CRICK            ?     ? ? 
hydrog14 hydrog ? ? A DG 5  O6 ? ? ? 1_555 A DC 14 N4 ? ? A DG 5  A DC 14  7_465 ? ? ? ? ? ? WATSON-CRICK            ?     ? ? 
hydrog15 hydrog ? ? A DG 6  N1 ? ? ? 1_555 A DC 13 O2 ? ? A DG 6  A DC 13  7_465 ? ? ? ? ? ? 'REVERSED WATSON-CRICK' ?     ? ? 
hydrog16 hydrog ? ? A DG 6  N2 ? ? ? 1_555 A DC 13 N3 ? ? A DG 6  A DC 13  7_465 ? ? ? ? ? ? 'REVERSED WATSON-CRICK' ?     ? ? 
hydrog17 hydrog ? ? A DG 7  N1 ? ? ? 1_555 A DC 12 N3 ? ? A DG 7  A DC 12  7_465 ? ? ? ? ? ? WATSON-CRICK            ?     ? ? 
hydrog18 hydrog ? ? A DG 7  N2 ? ? ? 1_555 A DC 12 O2 ? ? A DG 7  A DC 12  7_465 ? ? ? ? ? ? WATSON-CRICK            ?     ? ? 
hydrog19 hydrog ? ? A DG 7  O6 ? ? ? 1_555 A DC 12 N4 ? ? A DG 7  A DC 12  7_465 ? ? ? ? ? ? WATSON-CRICK            ?     ? ? 
hydrog20 hydrog ? ? A DC 8  N4 ? ? ? 1_555 A DG 11 O6 ? ? A DC 8  A DG 11  7_465 ? ? ? ? ? ? 'DC-DG PAIR'            ?     ? ? 
hydrog21 hydrog ? ? A DT 9  N3 ? ? ? 1_555 A DA 10 N1 ? ? A DT 9  A DA 10  7_465 ? ? ? ? ? ? WATSON-CRICK            ?     ? ? 
hydrog22 hydrog ? ? A DT 9  O4 ? ? ? 1_555 A DA 10 N6 ? ? A DT 9  A DA 10  7_465 ? ? ? ? ? ? WATSON-CRICK            ?     ? ? 
hydrog23 hydrog ? ? A DA 10 N1 ? ? ? 1_555 A DT 9  N3 ? ? A DA 10 A DT 9   7_465 ? ? ? ? ? ? WATSON-CRICK            ?     ? ? 
hydrog24 hydrog ? ? A DA 10 N6 ? ? ? 1_555 A DT 9  O4 ? ? A DA 10 A DT 9   7_465 ? ? ? ? ? ? WATSON-CRICK            ?     ? ? 
hydrog25 hydrog ? ? A DG 11 O6 ? ? ? 1_555 A DC 8  N4 ? ? A DG 11 A DC 8   7_465 ? ? ? ? ? ? 'DG-DC PAIR'            ?     ? ? 
hydrog26 hydrog ? ? A DC 12 N3 ? ? ? 1_555 A DG 7  N1 ? ? A DC 12 A DG 7   7_465 ? ? ? ? ? ? WATSON-CRICK            ?     ? ? 
hydrog27 hydrog ? ? A DC 12 N4 ? ? ? 1_555 A DG 7  O6 ? ? A DC 12 A DG 7   7_465 ? ? ? ? ? ? WATSON-CRICK            ?     ? ? 
hydrog28 hydrog ? ? A DC 12 O2 ? ? ? 1_555 A DG 7  N2 ? ? A DC 12 A DG 7   7_465 ? ? ? ? ? ? WATSON-CRICK            ?     ? ? 
hydrog29 hydrog ? ? A DC 13 N3 ? ? ? 1_555 A DG 6  N2 ? ? A DC 13 A DG 6   7_465 ? ? ? ? ? ? 'REVERSED WATSON-CRICK' ?     ? ? 
hydrog30 hydrog ? ? A DC 13 O2 ? ? ? 1_555 A DG 6  N1 ? ? A DC 13 A DG 6   7_465 ? ? ? ? ? ? 'REVERSED WATSON-CRICK' ?     ? ? 
hydrog31 hydrog ? ? A DC 14 N3 ? ? ? 1_555 A DG 5  N1 ? ? A DC 14 A DG 5   7_465 ? ? ? ? ? ? WATSON-CRICK            ?     ? ? 
hydrog32 hydrog ? ? A DC 14 N4 ? ? ? 1_555 A DG 5  O6 ? ? A DC 14 A DG 5   7_465 ? ? ? ? ? ? WATSON-CRICK            ?     ? ? 
hydrog33 hydrog ? ? A DC 14 O2 ? ? ? 1_555 A DG 5  N2 ? ? A DC 14 A DG 5   7_465 ? ? ? ? ? ? WATSON-CRICK            ?     ? ? 
hydrog34 hydrog ? ? A DC 15 N3 ? ? ? 1_555 A DG 4  N1 ? ? A DC 15 A DG 4   7_465 ? ? ? ? ? ? WATSON-CRICK            ?     ? ? 
hydrog35 hydrog ? ? A DC 15 N4 ? ? ? 1_555 A DG 4  O6 ? ? A DC 15 A DG 4   7_465 ? ? ? ? ? ? WATSON-CRICK            ?     ? ? 
hydrog36 hydrog ? ? A DC 15 O2 ? ? ? 1_555 A DG 4  N2 ? ? A DC 15 A DG 4   7_465 ? ? ? ? ? ? WATSON-CRICK            ?     ? ? 
hydrog37 hydrog ? ? A DA 16 N1 ? ? ? 1_555 A DT 3  N3 ? ? A DA 16 A DT 3   7_465 ? ? ? ? ? ? WATSON-CRICK            ?     ? ? 
hydrog38 hydrog ? ? A DA 16 N6 ? ? ? 1_555 A DT 3  O4 ? ? A DA 16 A DT 3   7_465 ? ? ? ? ? ? WATSON-CRICK            ?     ? ? 
hydrog39 hydrog ? ? A DC 17 N3 ? ? ? 1_555 A DG 2  N1 ? ? A DC 17 A DG 2   7_465 ? ? ? ? ? ? WATSON-CRICK            ?     ? ? 
hydrog40 hydrog ? ? A DC 17 N4 ? ? ? 1_555 A DG 2  O6 ? ? A DC 17 A DG 2   7_465 ? ? ? ? ? ? WATSON-CRICK            ?     ? ? 
hydrog41 hydrog ? ? A DC 17 O2 ? ? ? 1_555 A DG 2  N2 ? ? A DC 17 A DG 2   7_465 ? ? ? ? ? ? WATSON-CRICK            ?     ? ? 
hydrog42 hydrog ? ? A DC 18 N3 ? ? ? 1_555 A DG 1  N1 ? ? A DC 18 A DG 1   7_465 ? ? ? ? ? ? WATSON-CRICK            ?     ? ? 
hydrog43 hydrog ? ? A DC 18 N4 ? ? ? 1_555 A DG 1  O6 ? ? A DC 18 A DG 1   7_465 ? ? ? ? ? ? WATSON-CRICK            ?     ? ? 
hydrog44 hydrog ? ? A DC 18 O2 ? ? ? 1_555 A DG 1  N2 ? ? A DC 18 A DG 1   7_465 ? ? ? ? ? ? WATSON-CRICK            ?     ? ? 
# 
loop_
_struct_conn_type.id 
_struct_conn_type.criteria 
_struct_conn_type.reference 
metalc ? ? 
hydrog ? ? 
# 
_pdbx_validate_symm_contact.id                1 
_pdbx_validate_symm_contact.PDB_model_num     1 
_pdbx_validate_symm_contact.auth_atom_id_1    N2 
_pdbx_validate_symm_contact.auth_asym_id_1    A 
_pdbx_validate_symm_contact.auth_comp_id_1    DG 
_pdbx_validate_symm_contact.auth_seq_id_1     6 
_pdbx_validate_symm_contact.PDB_ins_code_1    ? 
_pdbx_validate_symm_contact.label_alt_id_1    ? 
_pdbx_validate_symm_contact.site_symmetry_1   1_555 
_pdbx_validate_symm_contact.auth_atom_id_2    O2 
_pdbx_validate_symm_contact.auth_asym_id_2    A 
_pdbx_validate_symm_contact.auth_comp_id_2    DC 
_pdbx_validate_symm_contact.auth_seq_id_2     13 
_pdbx_validate_symm_contact.PDB_ins_code_2    ? 
_pdbx_validate_symm_contact.label_alt_id_2    ? 
_pdbx_validate_symm_contact.site_symmetry_2   7_465 
_pdbx_validate_symm_contact.dist              2.19 
# 
_pdbx_validate_rmsd_angle.id                         1 
_pdbx_validate_rmsd_angle.PDB_model_num              1 
_pdbx_validate_rmsd_angle.auth_atom_id_1             "O4'" 
_pdbx_validate_rmsd_angle.auth_asym_id_1             A 
_pdbx_validate_rmsd_angle.auth_comp_id_1             DC 
_pdbx_validate_rmsd_angle.auth_seq_id_1              12 
_pdbx_validate_rmsd_angle.PDB_ins_code_1             ? 
_pdbx_validate_rmsd_angle.label_alt_id_1             ? 
_pdbx_validate_rmsd_angle.auth_atom_id_2             "C1'" 
_pdbx_validate_rmsd_angle.auth_asym_id_2             A 
_pdbx_validate_rmsd_angle.auth_comp_id_2             DC 
_pdbx_validate_rmsd_angle.auth_seq_id_2              12 
_pdbx_validate_rmsd_angle.PDB_ins_code_2             ? 
_pdbx_validate_rmsd_angle.label_alt_id_2             ? 
_pdbx_validate_rmsd_angle.auth_atom_id_3             N1 
_pdbx_validate_rmsd_angle.auth_asym_id_3             A 
_pdbx_validate_rmsd_angle.auth_comp_id_3             DC 
_pdbx_validate_rmsd_angle.auth_seq_id_3              12 
_pdbx_validate_rmsd_angle.PDB_ins_code_3             ? 
_pdbx_validate_rmsd_angle.label_alt_id_3             ? 
_pdbx_validate_rmsd_angle.angle_value                110.11 
_pdbx_validate_rmsd_angle.angle_target_value         108.30 
_pdbx_validate_rmsd_angle.angle_deviation            1.81 
_pdbx_validate_rmsd_angle.angle_standard_deviation   0.30 
_pdbx_validate_rmsd_angle.linker_flag                N 
# 
loop_
_space_group_symop.id 
_space_group_symop.operation_xyz 
1 x,y,z               
2 -y+1/2,x+1/2,z+3/4  
3 y+1/2,-x+1/2,z+1/4  
4 x+1/2,-y+1/2,-z+1/4 
5 -x+1/2,y+1/2,-z+3/4 
6 -x,-y,z+1/2         
7 y,x,-z              
8 -y,-x,-z+1/2        
# 
_pdbx_entry_details.entry_id                 7Z7Z 
_pdbx_entry_details.has_ligand_of_interest   N 
_pdbx_entry_details.compound_details         ? 
_pdbx_entry_details.source_details           ? 
_pdbx_entry_details.nonpolymer_details       ? 
_pdbx_entry_details.sequence_details         ? 
# 
loop_
_chem_comp_atom.comp_id 
_chem_comp_atom.atom_id 
_chem_comp_atom.type_symbol 
_chem_comp_atom.pdbx_aromatic_flag 
_chem_comp_atom.pdbx_stereo_config 
_chem_comp_atom.pdbx_ordinal 
DA OP3    O  N N 1   
DA P      P  N N 2   
DA OP1    O  N N 3   
DA OP2    O  N N 4   
DA "O5'"  O  N N 5   
DA "C5'"  C  N N 6   
DA "C4'"  C  N R 7   
DA "O4'"  O  N N 8   
DA "C3'"  C  N S 9   
DA "O3'"  O  N N 10  
DA "C2'"  C  N N 11  
DA "C1'"  C  N R 12  
DA N9     N  Y N 13  
DA C8     C  Y N 14  
DA N7     N  Y N 15  
DA C5     C  Y N 16  
DA C6     C  Y N 17  
DA N6     N  N N 18  
DA N1     N  Y N 19  
DA C2     C  Y N 20  
DA N3     N  Y N 21  
DA C4     C  Y N 22  
DA HOP3   H  N N 23  
DA HOP2   H  N N 24  
DA "H5'"  H  N N 25  
DA "H5''" H  N N 26  
DA "H4'"  H  N N 27  
DA "H3'"  H  N N 28  
DA "HO3'" H  N N 29  
DA "H2'"  H  N N 30  
DA "H2''" H  N N 31  
DA "H1'"  H  N N 32  
DA H8     H  N N 33  
DA H61    H  N N 34  
DA H62    H  N N 35  
DA H2     H  N N 36  
DC OP3    O  N N 37  
DC P      P  N N 38  
DC OP1    O  N N 39  
DC OP2    O  N N 40  
DC "O5'"  O  N N 41  
DC "C5'"  C  N N 42  
DC "C4'"  C  N R 43  
DC "O4'"  O  N N 44  
DC "C3'"  C  N S 45  
DC "O3'"  O  N N 46  
DC "C2'"  C  N N 47  
DC "C1'"  C  N R 48  
DC N1     N  N N 49  
DC C2     C  N N 50  
DC O2     O  N N 51  
DC N3     N  N N 52  
DC C4     C  N N 53  
DC N4     N  N N 54  
DC C5     C  N N 55  
DC C6     C  N N 56  
DC HOP3   H  N N 57  
DC HOP2   H  N N 58  
DC "H5'"  H  N N 59  
DC "H5''" H  N N 60  
DC "H4'"  H  N N 61  
DC "H3'"  H  N N 62  
DC "HO3'" H  N N 63  
DC "H2'"  H  N N 64  
DC "H2''" H  N N 65  
DC "H1'"  H  N N 66  
DC H41    H  N N 67  
DC H42    H  N N 68  
DC H5     H  N N 69  
DC H6     H  N N 70  
DG OP3    O  N N 71  
DG P      P  N N 72  
DG OP1    O  N N 73  
DG OP2    O  N N 74  
DG "O5'"  O  N N 75  
DG "C5'"  C  N N 76  
DG "C4'"  C  N R 77  
DG "O4'"  O  N N 78  
DG "C3'"  C  N S 79  
DG "O3'"  O  N N 80  
DG "C2'"  C  N N 81  
DG "C1'"  C  N R 82  
DG N9     N  Y N 83  
DG C8     C  Y N 84  
DG N7     N  Y N 85  
DG C5     C  Y N 86  
DG C6     C  N N 87  
DG O6     O  N N 88  
DG N1     N  N N 89  
DG C2     C  N N 90  
DG N2     N  N N 91  
DG N3     N  N N 92  
DG C4     C  Y N 93  
DG HOP3   H  N N 94  
DG HOP2   H  N N 95  
DG "H5'"  H  N N 96  
DG "H5''" H  N N 97  
DG "H4'"  H  N N 98  
DG "H3'"  H  N N 99  
DG "HO3'" H  N N 100 
DG "H2'"  H  N N 101 
DG "H2''" H  N N 102 
DG "H1'"  H  N N 103 
DG H8     H  N N 104 
DG H1     H  N N 105 
DG H21    H  N N 106 
DG H22    H  N N 107 
DT OP3    O  N N 108 
DT P      P  N N 109 
DT OP1    O  N N 110 
DT OP2    O  N N 111 
DT "O5'"  O  N N 112 
DT "C5'"  C  N N 113 
DT "C4'"  C  N R 114 
DT "O4'"  O  N N 115 
DT "C3'"  C  N S 116 
DT "O3'"  O  N N 117 
DT "C2'"  C  N N 118 
DT "C1'"  C  N R 119 
DT N1     N  N N 120 
DT C2     C  N N 121 
DT O2     O  N N 122 
DT N3     N  N N 123 
DT C4     C  N N 124 
DT O4     O  N N 125 
DT C5     C  N N 126 
DT C7     C  N N 127 
DT C6     C  N N 128 
DT HOP3   H  N N 129 
DT HOP2   H  N N 130 
DT "H5'"  H  N N 131 
DT "H5''" H  N N 132 
DT "H4'"  H  N N 133 
DT "H3'"  H  N N 134 
DT "HO3'" H  N N 135 
DT "H2'"  H  N N 136 
DT "H2''" H  N N 137 
DT "H1'"  H  N N 138 
DT H3     H  N N 139 
DT H71    H  N N 140 
DT H72    H  N N 141 
DT H73    H  N N 142 
DT H6     H  N N 143 
SR SR     SR N N 144 
# 
loop_
_chem_comp_bond.comp_id 
_chem_comp_bond.atom_id_1 
_chem_comp_bond.atom_id_2 
_chem_comp_bond.value_order 
_chem_comp_bond.pdbx_aromatic_flag 
_chem_comp_bond.pdbx_stereo_config 
_chem_comp_bond.pdbx_ordinal 
DA OP3   P      sing N N 1   
DA OP3   HOP3   sing N N 2   
DA P     OP1    doub N N 3   
DA P     OP2    sing N N 4   
DA P     "O5'"  sing N N 5   
DA OP2   HOP2   sing N N 6   
DA "O5'" "C5'"  sing N N 7   
DA "C5'" "C4'"  sing N N 8   
DA "C5'" "H5'"  sing N N 9   
DA "C5'" "H5''" sing N N 10  
DA "C4'" "O4'"  sing N N 11  
DA "C4'" "C3'"  sing N N 12  
DA "C4'" "H4'"  sing N N 13  
DA "O4'" "C1'"  sing N N 14  
DA "C3'" "O3'"  sing N N 15  
DA "C3'" "C2'"  sing N N 16  
DA "C3'" "H3'"  sing N N 17  
DA "O3'" "HO3'" sing N N 18  
DA "C2'" "C1'"  sing N N 19  
DA "C2'" "H2'"  sing N N 20  
DA "C2'" "H2''" sing N N 21  
DA "C1'" N9     sing N N 22  
DA "C1'" "H1'"  sing N N 23  
DA N9    C8     sing Y N 24  
DA N9    C4     sing Y N 25  
DA C8    N7     doub Y N 26  
DA C8    H8     sing N N 27  
DA N7    C5     sing Y N 28  
DA C5    C6     sing Y N 29  
DA C5    C4     doub Y N 30  
DA C6    N6     sing N N 31  
DA C6    N1     doub Y N 32  
DA N6    H61    sing N N 33  
DA N6    H62    sing N N 34  
DA N1    C2     sing Y N 35  
DA C2    N3     doub Y N 36  
DA C2    H2     sing N N 37  
DA N3    C4     sing Y N 38  
DC OP3   P      sing N N 39  
DC OP3   HOP3   sing N N 40  
DC P     OP1    doub N N 41  
DC P     OP2    sing N N 42  
DC P     "O5'"  sing N N 43  
DC OP2   HOP2   sing N N 44  
DC "O5'" "C5'"  sing N N 45  
DC "C5'" "C4'"  sing N N 46  
DC "C5'" "H5'"  sing N N 47  
DC "C5'" "H5''" sing N N 48  
DC "C4'" "O4'"  sing N N 49  
DC "C4'" "C3'"  sing N N 50  
DC "C4'" "H4'"  sing N N 51  
DC "O4'" "C1'"  sing N N 52  
DC "C3'" "O3'"  sing N N 53  
DC "C3'" "C2'"  sing N N 54  
DC "C3'" "H3'"  sing N N 55  
DC "O3'" "HO3'" sing N N 56  
DC "C2'" "C1'"  sing N N 57  
DC "C2'" "H2'"  sing N N 58  
DC "C2'" "H2''" sing N N 59  
DC "C1'" N1     sing N N 60  
DC "C1'" "H1'"  sing N N 61  
DC N1    C2     sing N N 62  
DC N1    C6     sing N N 63  
DC C2    O2     doub N N 64  
DC C2    N3     sing N N 65  
DC N3    C4     doub N N 66  
DC C4    N4     sing N N 67  
DC C4    C5     sing N N 68  
DC N4    H41    sing N N 69  
DC N4    H42    sing N N 70  
DC C5    C6     doub N N 71  
DC C5    H5     sing N N 72  
DC C6    H6     sing N N 73  
DG OP3   P      sing N N 74  
DG OP3   HOP3   sing N N 75  
DG P     OP1    doub N N 76  
DG P     OP2    sing N N 77  
DG P     "O5'"  sing N N 78  
DG OP2   HOP2   sing N N 79  
DG "O5'" "C5'"  sing N N 80  
DG "C5'" "C4'"  sing N N 81  
DG "C5'" "H5'"  sing N N 82  
DG "C5'" "H5''" sing N N 83  
DG "C4'" "O4'"  sing N N 84  
DG "C4'" "C3'"  sing N N 85  
DG "C4'" "H4'"  sing N N 86  
DG "O4'" "C1'"  sing N N 87  
DG "C3'" "O3'"  sing N N 88  
DG "C3'" "C2'"  sing N N 89  
DG "C3'" "H3'"  sing N N 90  
DG "O3'" "HO3'" sing N N 91  
DG "C2'" "C1'"  sing N N 92  
DG "C2'" "H2'"  sing N N 93  
DG "C2'" "H2''" sing N N 94  
DG "C1'" N9     sing N N 95  
DG "C1'" "H1'"  sing N N 96  
DG N9    C8     sing Y N 97  
DG N9    C4     sing Y N 98  
DG C8    N7     doub Y N 99  
DG C8    H8     sing N N 100 
DG N7    C5     sing Y N 101 
DG C5    C6     sing N N 102 
DG C5    C4     doub Y N 103 
DG C6    O6     doub N N 104 
DG C6    N1     sing N N 105 
DG N1    C2     sing N N 106 
DG N1    H1     sing N N 107 
DG C2    N2     sing N N 108 
DG C2    N3     doub N N 109 
DG N2    H21    sing N N 110 
DG N2    H22    sing N N 111 
DG N3    C4     sing N N 112 
DT OP3   P      sing N N 113 
DT OP3   HOP3   sing N N 114 
DT P     OP1    doub N N 115 
DT P     OP2    sing N N 116 
DT P     "O5'"  sing N N 117 
DT OP2   HOP2   sing N N 118 
DT "O5'" "C5'"  sing N N 119 
DT "C5'" "C4'"  sing N N 120 
DT "C5'" "H5'"  sing N N 121 
DT "C5'" "H5''" sing N N 122 
DT "C4'" "O4'"  sing N N 123 
DT "C4'" "C3'"  sing N N 124 
DT "C4'" "H4'"  sing N N 125 
DT "O4'" "C1'"  sing N N 126 
DT "C3'" "O3'"  sing N N 127 
DT "C3'" "C2'"  sing N N 128 
DT "C3'" "H3'"  sing N N 129 
DT "O3'" "HO3'" sing N N 130 
DT "C2'" "C1'"  sing N N 131 
DT "C2'" "H2'"  sing N N 132 
DT "C2'" "H2''" sing N N 133 
DT "C1'" N1     sing N N 134 
DT "C1'" "H1'"  sing N N 135 
DT N1    C2     sing N N 136 
DT N1    C6     sing N N 137 
DT C2    O2     doub N N 138 
DT C2    N3     sing N N 139 
DT N3    C4     sing N N 140 
DT N3    H3     sing N N 141 
DT C4    O4     doub N N 142 
DT C4    C5     sing N N 143 
DT C5    C7     sing N N 144 
DT C5    C6     doub N N 145 
DT C7    H71    sing N N 146 
DT C7    H72    sing N N 147 
DT C7    H73    sing N N 148 
DT C6    H6     sing N N 149 
# 
_ndb_struct_conf_na.entry_id   7Z7Z 
_ndb_struct_conf_na.feature    'a-form double helix' 
# 
loop_
_ndb_struct_na_base_pair.model_number 
_ndb_struct_na_base_pair.i_label_asym_id 
_ndb_struct_na_base_pair.i_label_comp_id 
_ndb_struct_na_base_pair.i_label_seq_id 
_ndb_struct_na_base_pair.i_symmetry 
_ndb_struct_na_base_pair.j_label_asym_id 
_ndb_struct_na_base_pair.j_label_comp_id 
_ndb_struct_na_base_pair.j_label_seq_id 
_ndb_struct_na_base_pair.j_symmetry 
_ndb_struct_na_base_pair.shear 
_ndb_struct_na_base_pair.stretch 
_ndb_struct_na_base_pair.stagger 
_ndb_struct_na_base_pair.buckle 
_ndb_struct_na_base_pair.propeller 
_ndb_struct_na_base_pair.opening 
_ndb_struct_na_base_pair.pair_number 
_ndb_struct_na_base_pair.pair_name 
_ndb_struct_na_base_pair.i_auth_asym_id 
_ndb_struct_na_base_pair.i_auth_seq_id 
_ndb_struct_na_base_pair.i_PDB_ins_code 
_ndb_struct_na_base_pair.j_auth_asym_id 
_ndb_struct_na_base_pair.j_auth_seq_id 
_ndb_struct_na_base_pair.j_PDB_ins_code 
_ndb_struct_na_base_pair.hbond_type_28 
_ndb_struct_na_base_pair.hbond_type_12 
1 A DG 1  1_555 A DC 18 7_465 0.014  -0.351 -0.117 -3.154  -1.763  -6.871  1  A_DG1:DC18_A A 1  ? A 18 ? 19 1 
1 A DG 2  1_555 A DC 17 7_465 -0.958 0.169  -0.053 -1.240  -12.022 4.887   2  A_DG2:DC17_A A 2  ? A 17 ? 19 1 
1 A DT 3  1_555 A DA 16 7_465 -0.562 -0.115 0.433  2.113   -30.163 8.594   3  A_DT3:DA16_A A 3  ? A 16 ? 20 1 
1 A DG 4  1_555 A DC 15 7_465 -0.223 -0.183 1.341  10.625  -21.811 8.468   4  A_DG4:DC15_A A 4  ? A 15 ? 19 1 
1 A DG 5  1_555 A DC 14 7_465 -0.282 -0.765 0.707  3.116   -11.449 -1.511  5  A_DG5:DC14_A A 5  ? A 14 ? 19 1 
1 A DG 6  1_555 A DC 13 7_465 -0.854 -0.348 0.110  -12.961 -16.374 11.267  6  A_DG6:DC13_A A 6  ? A 13 ? 22 1 
1 A DG 7  1_555 A DC 12 7_465 -0.017 0.402  -0.273 -17.048 -14.216 8.339   7  A_DG7:DC12_A A 7  ? A 12 ? 19 1 
1 A DC 8  1_555 A DG 11 7_465 -1.233 0.089  -0.526 0.211   -23.609 -18.397 8  A_DC8:DG11_A A 8  ? A 11 ? ?  1 
1 A DT 9  1_555 A DA 10 7_465 -0.201 0.055  0.642  -15.238 -39.158 6.836   9  A_DT9:DA10_A A 9  ? A 10 ? 20 1 
1 A DA 10 1_555 A DT 9  7_465 0.201  0.055  0.642  15.238  -39.158 6.836   10 A_DA10:DT9_A A 10 ? A 9  ? 20 1 
1 A DG 11 1_555 A DC 8  7_465 1.233  0.089  -0.526 -0.211  -23.609 -18.397 11 A_DG11:DC8_A A 11 ? A 8  ? ?  1 
1 A DC 12 1_555 A DG 7  7_465 0.017  0.402  -0.273 17.048  -14.216 8.339   12 A_DC12:DG7_A A 12 ? A 7  ? 19 1 
1 A DC 13 1_555 A DG 6  7_465 0.854  -0.348 0.110  12.961  -16.374 11.267  13 A_DC13:DG6_A A 13 ? A 6  ? 22 1 
1 A DC 14 1_555 A DG 5  7_465 0.282  -0.765 0.707  -3.116  -11.449 -1.511  14 A_DC14:DG5_A A 14 ? A 5  ? 19 1 
1 A DC 15 1_555 A DG 4  7_465 0.223  -0.183 1.341  -10.625 -21.811 8.468   15 A_DC15:DG4_A A 15 ? A 4  ? 19 1 
1 A DA 16 1_555 A DT 3  7_465 0.562  -0.115 0.433  -2.113  -30.163 8.594   16 A_DA16:DT3_A A 16 ? A 3  ? 20 1 
1 A DC 17 1_555 A DG 2  7_465 0.958  0.169  -0.053 1.240   -12.022 4.887   17 A_DC17:DG2_A A 17 ? A 2  ? 19 1 
1 A DC 18 1_555 A DG 1  7_465 -0.014 -0.351 -0.117 3.154   -1.763  -6.871  18 A_DC18:DG1_A A 18 ? A 1  ? 19 1 
# 
loop_
_ndb_struct_na_base_pair_step.model_number 
_ndb_struct_na_base_pair_step.i_label_asym_id_1 
_ndb_struct_na_base_pair_step.i_label_comp_id_1 
_ndb_struct_na_base_pair_step.i_label_seq_id_1 
_ndb_struct_na_base_pair_step.i_symmetry_1 
_ndb_struct_na_base_pair_step.j_label_asym_id_1 
_ndb_struct_na_base_pair_step.j_label_comp_id_1 
_ndb_struct_na_base_pair_step.j_label_seq_id_1 
_ndb_struct_na_base_pair_step.j_symmetry_1 
_ndb_struct_na_base_pair_step.i_label_asym_id_2 
_ndb_struct_na_base_pair_step.i_label_comp_id_2 
_ndb_struct_na_base_pair_step.i_label_seq_id_2 
_ndb_struct_na_base_pair_step.i_symmetry_2 
_ndb_struct_na_base_pair_step.j_label_asym_id_2 
_ndb_struct_na_base_pair_step.j_label_comp_id_2 
_ndb_struct_na_base_pair_step.j_label_seq_id_2 
_ndb_struct_na_base_pair_step.j_symmetry_2 
_ndb_struct_na_base_pair_step.shift 
_ndb_struct_na_base_pair_step.slide 
_ndb_struct_na_base_pair_step.rise 
_ndb_struct_na_base_pair_step.tilt 
_ndb_struct_na_base_pair_step.roll 
_ndb_struct_na_base_pair_step.twist 
_ndb_struct_na_base_pair_step.x_displacement 
_ndb_struct_na_base_pair_step.y_displacement 
_ndb_struct_na_base_pair_step.helical_rise 
_ndb_struct_na_base_pair_step.inclination 
_ndb_struct_na_base_pair_step.tip 
_ndb_struct_na_base_pair_step.helical_twist 
_ndb_struct_na_base_pair_step.step_number 
_ndb_struct_na_base_pair_step.step_name 
_ndb_struct_na_base_pair_step.i_auth_asym_id_1 
_ndb_struct_na_base_pair_step.i_auth_seq_id_1 
_ndb_struct_na_base_pair_step.i_PDB_ins_code_1 
_ndb_struct_na_base_pair_step.j_auth_asym_id_1 
_ndb_struct_na_base_pair_step.j_auth_seq_id_1 
_ndb_struct_na_base_pair_step.j_PDB_ins_code_1 
_ndb_struct_na_base_pair_step.i_auth_asym_id_2 
_ndb_struct_na_base_pair_step.i_auth_seq_id_2 
_ndb_struct_na_base_pair_step.i_PDB_ins_code_2 
_ndb_struct_na_base_pair_step.j_auth_asym_id_2 
_ndb_struct_na_base_pair_step.j_auth_seq_id_2 
_ndb_struct_na_base_pair_step.j_PDB_ins_code_2 
1 A DG 1  1_555 A DC 18 7_465 A DG 2  1_555 A DC 17 7_465 0.353  -1.594 3.190 -1.241 10.503 25.114 -5.700 -1.023 2.327 22.902 
2.707   27.218 1  AA_DG1DG2:DC17DC18_AA A 1  ? A 18 ? A 2  ? A 17 ? 
1 A DG 2  1_555 A DC 17 7_465 A DT 3  1_555 A DA 16 7_465 0.546  -0.963 3.256 2.112  0.431  35.212 -1.654 -0.589 3.271 0.712  
-3.487  35.276 2  AA_DG2DT3:DA16DC17_AA A 2  ? A 17 ? A 3  ? A 16 ? 
1 A DT 3  1_555 A DA 16 7_465 A DG 4  1_555 A DC 15 7_465 -0.123 -1.517 2.992 -6.983 4.125  29.862 -3.557 -0.971 2.721 7.826  
13.246  30.919 3  AA_DT3DG4:DC15DA16_AA A 3  ? A 16 ? A 4  ? A 15 ? 
1 A DG 4  1_555 A DC 15 7_465 A DG 5  1_555 A DC 14 7_465 -0.767 -1.347 3.126 -0.225 8.970  31.961 -3.719 1.310  2.666 15.902 
0.399   33.165 4  AA_DG4DG5:DC14DC15_AA A 4  ? A 15 ? A 5  ? A 14 ? 
1 A DG 5  1_555 A DC 14 7_465 A DG 6  1_555 A DC 13 7_465 0.713  -1.528 3.424 6.600  9.451  35.020 -3.716 -0.223 3.007 15.205 
-10.618 36.812 5  AA_DG5DG6:DC13DC14_AA A 5  ? A 14 ? A 6  ? A 13 ? 
1 A DG 6  1_555 A DC 13 7_465 A DG 7  1_555 A DC 12 7_465 -0.212 -1.509 3.214 1.639  7.998  29.821 -4.264 0.692  2.712 15.186 
-3.112  30.894 6  AA_DG6DG7:DC12DC13_AA A 6  ? A 13 ? A 7  ? A 12 ? 
1 A DG 7  1_555 A DC 12 7_465 A DC 8  1_555 A DG 11 7_465 -1.933 -1.102 2.781 -0.130 4.583  23.843 -3.809 4.563  2.537 10.964 
0.312   24.273 7  AA_DG7DC8:DG11DC12_AA A 7  ? A 12 ? A 8  ? A 11 ? 
1 A DC 8  1_555 A DG 11 7_465 A DT 9  1_555 A DA 10 7_465 1.432  -1.022 3.644 0.427  8.003  36.786 -2.715 -2.161 3.372 12.499 
-0.666  37.620 8  AA_DC8DT9:DA10DG11_AA A 8  ? A 11 ? A 9  ? A 10 ? 
1 A DT 9  1_555 A DA 10 7_465 A DA 10 1_555 A DT 9  7_465 0.000  -0.499 2.803 0.000  27.818 24.955 -3.762 0.000  1.531 48.896 
0.000   37.206 9  AA_DT9DA10:DT9DA10_AA A 9  ? A 10 ? A 10 ? A 9  ? 
1 A DA 10 1_555 A DT 9  7_465 A DG 11 1_555 A DC 8  7_465 -1.432 -1.022 3.644 -0.427 8.003  36.786 -2.715 2.161  3.372 12.499 
0.666   37.620 10 AA_DA10DG11:DC8DT9_AA A 10 ? A 9  ? A 11 ? A 8  ? 
1 A DG 11 1_555 A DC 8  7_465 A DC 12 1_555 A DG 7  7_465 1.933  -1.102 2.781 0.130  4.583  23.843 -3.809 -4.563 2.537 10.964 
-0.312  24.273 11 AA_DG11DC12:DG7DC8_AA A 11 ? A 8  ? A 12 ? A 7  ? 
1 A DC 12 1_555 A DG 7  7_465 A DC 13 1_555 A DG 6  7_465 0.212  -1.509 3.214 -1.639 7.998  29.821 -4.264 -0.692 2.712 15.186 
3.112   30.894 12 AA_DC12DC13:DG6DG7_AA A 12 ? A 7  ? A 13 ? A 6  ? 
1 A DC 13 1_555 A DG 6  7_465 A DC 14 1_555 A DG 5  7_465 -0.713 -1.528 3.424 -6.600 9.451  35.020 -3.716 0.223  3.007 15.205 
10.618  36.812 13 AA_DC13DC14:DG5DG6_AA A 13 ? A 6  ? A 14 ? A 5  ? 
1 A DC 14 1_555 A DG 5  7_465 A DC 15 1_555 A DG 4  7_465 0.767  -1.347 3.126 0.225  8.970  31.961 -3.719 -1.310 2.666 15.902 
-0.399  33.165 14 AA_DC14DC15:DG4DG5_AA A 14 ? A 5  ? A 15 ? A 4  ? 
1 A DC 15 1_555 A DG 4  7_465 A DA 16 1_555 A DT 3  7_465 0.123  -1.517 2.992 6.983  4.125  29.862 -3.557 0.971  2.721 7.826  
-13.246 30.919 15 AA_DC15DA16:DT3DG4_AA A 15 ? A 4  ? A 16 ? A 3  ? 
1 A DA 16 1_555 A DT 3  7_465 A DC 17 1_555 A DG 2  7_465 -0.546 -0.963 3.256 -2.112 0.431  35.212 -1.654 0.589  3.271 0.712  
3.487   35.276 16 AA_DA16DC17:DG2DT3_AA A 16 ? A 3  ? A 17 ? A 2  ? 
1 A DC 17 1_555 A DG 2  7_465 A DC 18 1_555 A DG 1  7_465 -0.353 -1.594 3.190 1.241  10.503 25.114 -5.700 1.023  2.327 22.902 
-2.707  27.218 17 AA_DC17DC18:DG1DG2_AA A 17 ? A 2  ? A 18 ? A 1  ? 
# 
loop_
_pdbx_audit_support.funding_organization 
_pdbx_audit_support.country 
_pdbx_audit_support.grant_number 
_pdbx_audit_support.ordinal 
'Ministry of Education, Youth and Sports of the Czech Republic' 'Czech Republic' LTAUSA18197    1 
'Czech Academy of Sciences'                                     'Czech Republic' 'RVO 86652036' 2 
# 
_pdbx_initial_refinement_model.id               1 
_pdbx_initial_refinement_model.entity_id_list   ? 
_pdbx_initial_refinement_model.type             'experimental model' 
_pdbx_initial_refinement_model.source_name      PDB 
_pdbx_initial_refinement_model.accession_code   6ROS 
_pdbx_initial_refinement_model.details          ? 
# 
_space_group.name_H-M_alt     'P 43 21 2' 
_space_group.name_Hall        'P 4nw 2abw' 
_space_group.IT_number        96 
_space_group.crystal_system   tetragonal 
_space_group.id               1 
# 
_atom_sites.entry_id                    7Z7Z 
_atom_sites.Cartn_transf_matrix[1][1]   ? 
_atom_sites.Cartn_transf_matrix[1][2]   ? 
_atom_sites.Cartn_transf_matrix[1][3]   ? 
_atom_sites.Cartn_transf_matrix[2][1]   ? 
_atom_sites.Cartn_transf_matrix[2][2]   ? 
_atom_sites.Cartn_transf_matrix[2][3]   ? 
_atom_sites.Cartn_transf_matrix[3][1]   ? 
_atom_sites.Cartn_transf_matrix[3][2]   ? 
_atom_sites.Cartn_transf_matrix[3][3]   ? 
_atom_sites.Cartn_transf_vector[1]      ? 
_atom_sites.Cartn_transf_vector[2]      ? 
_atom_sites.Cartn_transf_vector[3]      ? 
_atom_sites.fract_transf_matrix[1][1]   0.01570659 
_atom_sites.fract_transf_matrix[1][2]   0.02061185 
_atom_sites.fract_transf_matrix[1][3]   0.00198362 
_atom_sites.fract_transf_matrix[2][1]   0.02035894 
_atom_sites.fract_transf_matrix[2][2]   -0.01491689 
_atom_sites.fract_transf_matrix[2][3]   -0.00620323 
_atom_sites.fract_transf_matrix[3][1]   -0.00161049 
_atom_sites.fract_transf_matrix[3][2]   0.00225857 
_atom_sites.fract_transf_matrix[3][3]   -0.01071681 
_atom_sites.fract_transf_vector[1]      -0.552783 
_atom_sites.fract_transf_vector[2]      0.457899 
_atom_sites.fract_transf_vector[3]      0.017601 
_atom_sites.solution_primary            ? 
_atom_sites.solution_secondary          ? 
_atom_sites.solution_hydrogens          ? 
_atom_sites.special_details             ? 
# 
loop_
_atom_type.symbol 
_atom_type.scat_dispersion_real 
_atom_type.scat_dispersion_imag 
_atom_type.scat_Cromer_Mann_a1 
_atom_type.scat_Cromer_Mann_a2 
_atom_type.scat_Cromer_Mann_a3 
_atom_type.scat_Cromer_Mann_a4 
_atom_type.scat_Cromer_Mann_b1 
_atom_type.scat_Cromer_Mann_b2 
_atom_type.scat_Cromer_Mann_b3 
_atom_type.scat_Cromer_Mann_b4 
_atom_type.scat_Cromer_Mann_c 
_atom_type.scat_source 
_atom_type.scat_dispersion_source 
C  ? ? 3.54356  2.42580 ? ? 25.62398 1.50364  ? ? 0.0 
;2-Gaussian fit: Grosse-Kunstleve RW, Sauter NK, Adams PD: Newsletter of the IUCr Commission on Crystallographic Computing 2004, 3, 22-31.
;
? 
N  ? ? 4.01032  2.96436 ? ? 19.97189 1.75589  ? ? 0.0 
;2-Gaussian fit: Grosse-Kunstleve RW, Sauter NK, Adams PD: Newsletter of the IUCr Commission on Crystallographic Computing 2004, 3, 22-31.
;
? 
O  ? ? 7.96527  ?       ? ? 9.05267  ?        ? ? 0.0 
;1-Gaussian fit: Grosse-Kunstleve RW, Sauter NK, Adams PD: Newsletter of the IUCr Commission on Crystallographic Computing 2004, 3, 22-31.
;
? 
P  ? ? 9.51135  5.44231 ? ? 1.42069  35.72801 ? ? 0.0 
;2-Gaussian fit: Grosse-Kunstleve RW, Sauter NK, Adams PD: Newsletter of the IUCr Commission on Crystallographic Computing 2004, 3, 22-31.
;
? 
SR ? ? 32.18652 5.63919 ? ? 2.35430  57.90393 ? ? 0.0 
;2-Gaussian fit: Grosse-Kunstleve RW, Sauter NK, Adams PD: Newsletter of the IUCr Commission on Crystallographic Computing 2004, 3, 22-31.
;
? 
# 
loop_
_atom_site.group_PDB 
_atom_site.id 
_atom_site.type_symbol 
_atom_site.label_atom_id 
_atom_site.label_alt_id 
_atom_site.label_comp_id 
_atom_site.label_asym_id 
_atom_site.label_entity_id 
_atom_site.label_seq_id 
_atom_site.pdbx_PDB_ins_code 
_atom_site.Cartn_x 
_atom_site.Cartn_y 
_atom_site.Cartn_z 
_atom_site.occupancy 
_atom_site.B_iso_or_equiv 
_atom_site.pdbx_formal_charge 
_atom_site.auth_seq_id 
_atom_site.auth_comp_id 
_atom_site.auth_asym_id 
_atom_site.auth_atom_id 
_atom_site.pdbx_PDB_model_num 
ATOM   1   O  "O5'" . DG A 1 1  ? -7.77676  13.77648  18.45539  1.000 82.95626  ? 1   DG A "O5'" 1 
ATOM   2   C  "C5'" . DG A 1 1  ? -8.74044  14.78843  18.17943  1.000 83.56021  ? 1   DG A "C5'" 1 
ATOM   3   C  "C4'" . DG A 1 1  ? -8.10098  16.01276  17.52610  1.000 88.58002  ? 1   DG A "C4'" 1 
ATOM   4   O  "O4'" . DG A 1 1  ? -7.32109  16.75820  18.50399  1.000 89.72939  ? 1   DG A "O4'" 1 
ATOM   5   C  "C3'" . DG A 1 1  ? -7.13494  15.73125  16.37954  1.000 87.92145  ? 1   DG A "C3'" 1 
ATOM   6   O  "O3'" . DG A 1 1  ? -7.84690  15.61936  15.14888  1.000 90.33982  ? 1   DG A "O3'" 1 
ATOM   7   C  "C2'" . DG A 1 1  ? -6.26367  16.98481  16.40621  1.000 87.49401  ? 1   DG A "C2'" 1 
ATOM   8   C  "C1'" . DG A 1 1  ? -6.10934  17.20654  17.90958  1.000 87.97002  ? 1   DG A "C1'" 1 
ATOM   9   N  N9    . DG A 1 1  ? -5.00055  16.44740  18.49083  1.000 89.80746  ? 1   DG A N9    1 
ATOM   10  C  C8    . DG A 1 1  ? -5.08920  15.26951  19.19865  1.000 93.38871  ? 1   DG A C8    1 
ATOM   11  N  N7    . DG A 1 1  ? -3.93449  14.80508  19.58982  1.000 91.41211  ? 1   DG A N7    1 
ATOM   12  C  C5    . DG A 1 1  ? -3.01665  15.72870  19.10929  1.000 88.27528  ? 1   DG A C5    1 
ATOM   13  C  C6    . DG A 1 1  ? -1.61069  15.74889  19.22791  1.000 87.37774  ? 1   DG A C6    1 
ATOM   14  O  O6    . DG A 1 1  ? -0.87906  14.92312  19.80209  1.000 84.93014  ? 1   DG A O6    1 
ATOM   15  N  N1    . DG A 1 1  ? -1.05546  16.86621  18.59220  1.000 88.79590  ? 1   DG A N1    1 
ATOM   16  C  C2    . DG A 1 1  ? -1.77668  17.83980  17.93052  1.000 86.84794  ? 1   DG A C2    1 
ATOM   17  N  N2    . DG A 1 1  ? -1.06665  18.84292  17.38024  1.000 83.56295  ? 1   DG A N2    1 
ATOM   18  N  N3    . DG A 1 1  ? -3.10136  17.82904  17.81477  1.000 85.69723  ? 1   DG A N3    1 
ATOM   19  C  C4    . DG A 1 1  ? -3.65330  16.74763  18.42564  1.000 87.31864  ? 1   DG A C4    1 
ATOM   20  P  P     . DG A 1 2  ? -7.27263  14.71500  13.95131  1.000 88.31496  ? 2   DG A P     1 
ATOM   21  O  OP1   . DG A 1 2  ? -8.24432  14.78249  12.83364  1.000 85.68667  ? 2   DG A OP1   1 
ATOM   22  O  OP2   . DG A 1 2  ? -6.87970  13.40861  14.53310  1.000 84.22733  ? 2   DG A OP2   1 
ATOM   23  O  "O5'" . DG A 1 2  ? -5.98400  15.50831  13.45631  1.000 77.08217  ? 2   DG A "O5'" 1 
ATOM   24  C  "C5'" . DG A 1 2  ? -6.15119  16.59120  12.58340  1.000 79.40163  ? 2   DG A "C5'" 1 
ATOM   25  C  "C4'" . DG A 1 2  ? -4.86002  17.35687  12.42234  1.000 85.74410  ? 2   DG A "C4'" 1 
ATOM   26  O  "O4'" . DG A 1 2  ? -4.31037  17.65399  13.72902  1.000 86.05620  ? 2   DG A "O4'" 1 
ATOM   27  C  "C3'" . DG A 1 2  ? -3.74832  16.61288  11.70506  1.000 91.13334  ? 2   DG A "C3'" 1 
ATOM   28  O  "O3'" . DG A 1 2  ? -3.90338  16.72322  10.28568  1.000 90.33043  ? 2   DG A "O3'" 1 
ATOM   29  C  "C2'" . DG A 1 2  ? -2.52815  17.37849  12.20292  1.000 93.16089  ? 2   DG A "C2'" 1 
ATOM   30  C  "C1'" . DG A 1 2  ? -2.89118  17.58595  13.67227  1.000 88.80067  ? 2   DG A "C1'" 1 
ATOM   31  N  N9    . DG A 1 2  ? -2.44588  16.49187  14.53889  1.000 92.85842  ? 2   DG A N9    1 
ATOM   32  C  C8    . DG A 1 2  ? -3.23968  15.54255  15.14808  1.000 91.37231  ? 2   DG A C8    1 
ATOM   33  N  N7    . DG A 1 2  ? -2.56730  14.68020  15.86801  1.000 91.56621  ? 2   DG A N7    1 
ATOM   34  C  C5    . DG A 1 2  ? -1.23763  15.07738  15.72835  1.000 93.35668  ? 2   DG A C5    1 
ATOM   35  C  C6    . DG A 1 2  ? -0.05204  14.51834  16.28093  1.000 89.22518  ? 2   DG A C6    1 
ATOM   36  O  O6    . DG A 1 2  ? 0.05702   13.52710  17.02816  1.000 88.02802  ? 2   DG A O6    1 
ATOM   37  N  N1    . DG A 1 2  ? 1.08708   15.23280  15.88698  1.000 88.61178  ? 2   DG A N1    1 
ATOM   38  C  C2    . DG A 1 2  ? 1.07882   16.34322  15.06049  1.000 91.14942  ? 2   DG A C2    1 
ATOM   39  N  N2    . DG A 1 2  ? 2.27210   16.89614  14.78634  1.000 90.03123  ? 2   DG A N2    1 
ATOM   40  N  N3    . DG A 1 2  ? -0.02423  16.87425  14.53656  1.000 93.95460  ? 2   DG A N3    1 
ATOM   41  C  C4    . DG A 1 2  ? -1.14303  16.19314  14.91123  1.000 94.96183  ? 2   DG A C4    1 
ATOM   42  P  P     . DT A 1 3  ? -3.46389  15.51446  9.31738   1.000 85.60788  ? 3   DT A P     1 
ATOM   43  O  OP1   . DT A 1 3  ? -3.90725  15.88364  7.95507   1.000 90.36498  ? 3   DT A OP1   1 
ATOM   44  O  OP2   . DT A 1 3  ? -3.90507  14.22859  9.91145   1.000 78.44554  ? 3   DT A OP2   1 
ATOM   45  O  "O5'" . DT A 1 3  ? -1.86988  15.56793  9.35187   1.000 84.05944  ? 3   DT A "O5'" 1 
ATOM   46  C  "C5'" . DT A 1 3  ? -1.19963  16.75818  8.97729   1.000 80.27225  ? 3   DT A "C5'" 1 
ATOM   47  C  "C4'" . DT A 1 3  ? 0.24187   16.71510  9.43084   1.000 82.12695  ? 3   DT A "C4'" 1 
ATOM   48  O  "O4'" . DT A 1 3  ? 0.28894   16.57130  10.86722  1.000 89.39041  ? 3   DT A "O4'" 1 
ATOM   49  C  "C3'" . DT A 1 3  ? 1.02449   15.52213  8.93974   1.000 84.50544  ? 3   DT A "C3'" 1 
ATOM   50  O  "O3'" . DT A 1 3  ? 1.47501   15.73392  7.64905   1.000 85.51783  ? 3   DT A "O3'" 1 
ATOM   51  C  "C2'" . DT A 1 3  ? 2.16923   15.49717  9.93189   1.000 87.20891  ? 3   DT A "C2'" 1 
ATOM   52  C  "C1'" . DT A 1 3  ? 1.41803   15.78379  11.22138  1.000 88.55489  ? 3   DT A "C1'" 1 
ATOM   53  N  N1    . DT A 1 3  ? 0.96186   14.54378  11.91765  1.000 87.56095  ? 3   DT A N1    1 
ATOM   54  C  C2    . DT A 1 3  ? 1.85033   13.89125  12.72920  1.000 89.80019  ? 3   DT A C2    1 
ATOM   55  O  O2    . DT A 1 3  ? 2.99467   14.28481  12.90954  1.000 90.32267  ? 3   DT A O2    1 
ATOM   56  N  N3    . DT A 1 3  ? 1.35510   12.75891  13.33291  1.000 89.85833  ? 3   DT A N3    1 
ATOM   57  C  C4    . DT A 1 3  ? 0.08322   12.22509  13.19984  1.000 88.72447  ? 3   DT A C4    1 
ATOM   58  O  O4    . DT A 1 3  ? -0.26905  11.19932  13.78709  1.000 89.98355  ? 3   DT A O4    1 
ATOM   59  C  C5    . DT A 1 3  ? -0.80039  12.95877  12.32258  1.000 86.98315  ? 3   DT A C5    1 
ATOM   60  C  C7    . DT A 1 3  ? -2.20284  12.47840  12.09521  1.000 90.98260  ? 3   DT A C7    1 
ATOM   61  C  C6    . DT A 1 3  ? -0.32528  14.06999  11.72967  1.000 86.03830  ? 3   DT A C6    1 
ATOM   62  P  P     . DG A 1 4  ? 1.68551   14.47109  6.69049   1.000 89.73071  ? 4   DG A P     1 
ATOM   63  O  OP1   . DG A 1 4  ? 1.98935   15.04453  5.36587   1.000 81.76887  ? 4   DG A OP1   1 
ATOM   64  O  OP2   . DG A 1 4  ? 0.56622   13.50811  6.87188   1.000 90.13237  ? 4   DG A OP2   1 
ATOM   65  O  "O5'" . DG A 1 4  ? 2.97314   13.75456  7.29346   1.000 86.80267  ? 4   DG A "O5'" 1 
ATOM   66  C  "C5'" . DG A 1 4  ? 4.21610   14.40566  7.26556   1.000 86.52217  ? 4   DG A "C5'" 1 
ATOM   67  C  "C4'" . DG A 1 4  ? 5.23480   13.58763  8.01605   1.000 90.17879  ? 4   DG A "C4'" 1 
ATOM   68  O  "O4'" . DG A 1 4  ? 4.75974   13.37386  9.36200   1.000 94.74782  ? 4   DG A "O4'" 1 
ATOM   69  C  "C3'" . DG A 1 4  ? 5.44526   12.18527  7.47748   1.000 93.53691  ? 4   DG A "C3'" 1 
ATOM   70  O  "O3'" . DG A 1 4  ? 6.37536   12.19860  6.40153   1.000 96.74467  ? 4   DG A "O3'" 1 
ATOM   71  C  "C2'" . DG A 1 4  ? 6.01768   11.47564  8.69458   1.000 94.84116  ? 4   DG A "C2'" 1 
ATOM   72  C  "C1'" . DG A 1 4  ? 5.23311   12.12318  9.83158   1.000 93.33466  ? 4   DG A "C1'" 1 
ATOM   73  N  N9    . DG A 1 4  ? 4.10597   11.31779  10.28561  1.000 91.78666  ? 4   DG A N9    1 
ATOM   74  C  C8    . DG A 1 4  ? 2.79203   11.38567  9.87303   1.000 90.06503  ? 4   DG A C8    1 
ATOM   75  N  N7    . DG A 1 4  ? 2.01769   10.52070  10.47609  1.000 86.77362  ? 4   DG A N7    1 
ATOM   76  C  C5    . DG A 1 4  ? 2.87788   9.84369   11.33508  1.000 86.51651  ? 4   DG A C5    1 
ATOM   77  C  C6    . DG A 1 4  ? 2.62228   8.79501   12.24749  1.000 89.28084  ? 4   DG A C6    1 
ATOM   78  O  O6    . DG A 1 4  ? 1.54408   8.23261   12.49144  1.000 91.01643  ? 4   DG A O6    1 
ATOM   79  N  N1    . DG A 1 4  ? 3.78507   8.40247   12.91596  1.000 89.55295  ? 4   DG A N1    1 
ATOM   80  C  C2    . DG A 1 4  ? 5.03326   8.95672   12.71971  1.000 88.07191  ? 4   DG A C2    1 
ATOM   81  N  N2    . DG A 1 4  ? 6.03719   8.45593   13.45149  1.000 86.24503  ? 4   DG A N2    1 
ATOM   82  N  N3    . DG A 1 4  ? 5.27877   9.93460   11.87294  1.000 85.71310  ? 4   DG A N3    1 
ATOM   83  C  C4    . DG A 1 4  ? 4.16227   10.32564  11.21990  1.000 87.93076  ? 4   DG A C4    1 
ATOM   84  P  P     . DG A 1 5  ? 6.39069   10.99883  5.32821   1.000 97.01146  ? 5   DG A P     1 
ATOM   85  O  OP1   . DG A 1 5  ? 6.76906   11.62442  4.04607   1.000 95.29785  ? 5   DG A OP1   1 
ATOM   86  O  OP2   . DG A 1 5  ? 5.14139   10.20393  5.41932   1.000 99.76452  ? 5   DG A OP2   1 
ATOM   87  O  "O5'" . DG A 1 5  ? 7.54101   10.02098  5.84866   1.000 89.42746  ? 5   DG A "O5'" 1 
ATOM   88  C  "C5'" . DG A 1 5  ? 7.31359   8.61206   5.84453   1.000 91.71995  ? 5   DG A "C5'" 1 
ATOM   89  C  "C4'" . DG A 1 5  ? 8.09779   7.92814   6.95168   1.000 90.99742  ? 5   DG A "C4'" 1 
ATOM   90  O  "O4'" . DG A 1 5  ? 7.69867   8.46511   8.24361   1.000 95.05755  ? 5   DG A "O4'" 1 
ATOM   91  C  "C3'" . DG A 1 5  ? 7.88073   6.42766   7.05322   1.000 89.04603  ? 5   DG A "C3'" 1 
ATOM   92  O  "O3'" . DG A 1 5  ? 8.80977   5.75505   6.21021   1.000 83.88226  ? 5   DG A "O3'" 1 
ATOM   93  C  "C2'" . DG A 1 5  ? 8.16136   6.16650   8.53222   1.000 88.25596  ? 5   DG A "C2'" 1 
ATOM   94  C  "C1'" . DG A 1 5  ? 7.56786   7.41691   9.18853   1.000 89.36071  ? 5   DG A "C1'" 1 
ATOM   95  N  N9    . DG A 1 5  ? 6.15650   7.27165   9.51829   1.000 88.56127  ? 5   DG A N9    1 
ATOM   96  C  C8    . DG A 1 5  ? 5.10242   7.98626   8.99917   1.000 92.53890  ? 5   DG A C8    1 
ATOM   97  N  N7    . DG A 1 5  ? 3.94405   7.61502   9.46585   1.000 92.50764  ? 5   DG A N7    1 
ATOM   98  C  C5    . DG A 1 5  ? 4.25155   6.58646   10.34411  1.000 90.46514  ? 5   DG A C5    1 
ATOM   99  C  C6    . DG A 1 5  ? 3.40307   5.79407   11.14903  1.000 93.65672  ? 5   DG A C6    1 
ATOM   100 O  O6    . DG A 1 5  ? 2.16498   5.84562   11.24706  1.000 97.34238  ? 5   DG A O6    1 
ATOM   101 N  N1    . DG A 1 5  ? 4.12807   4.86281   11.89061  1.000 93.69340  ? 5   DG A N1    1 
ATOM   102 C  C2    . DG A 1 5  ? 5.49770   4.72192   11.85398  1.000 90.33679  ? 5   DG A C2    1 
ATOM   103 N  N2    . DG A 1 5  ? 6.02219   3.77162   12.63737  1.000 89.51591  ? 5   DG A N2    1 
ATOM   104 N  N3    . DG A 1 5  ? 6.29696   5.45919   11.10387  1.000 86.92231  ? 5   DG A N3    1 
ATOM   105 C  C4    . DG A 1 5  ? 5.60982   6.36519   10.38091  1.000 87.03290  ? 5   DG A C4    1 
ATOM   106 P  P     . DG A 1 6  ? 8.31327   4.62241   5.18773   1.000 82.40256  ? 6   DG A P     1 
ATOM   107 O  OP1   . DG A 1 6  ? 9.40460   4.36816   4.22061   1.000 85.83231  ? 6   DG A OP1   1 
ATOM   108 O  OP2   . DG A 1 6  ? 6.97619   5.00482   4.68815   1.000 89.35627  ? 6   DG A OP2   1 
ATOM   109 O  "O5'" . DG A 1 6  ? 8.16116   3.34341   6.11459   1.000 77.50058  ? 6   DG A "O5'" 1 
ATOM   110 C  "C5'" . DG A 1 6  ? 9.14916   3.07139   7.06715   1.000 80.07303  ? 6   DG A "C5'" 1 
ATOM   111 C  "C4'" . DG A 1 6  ? 8.63530   2.07979   8.07513   1.000 84.78623  ? 6   DG A "C4'" 1 
ATOM   112 O  "O4'" . DG A 1 6  ? 7.83421   2.75594   9.06655   1.000 84.31240  ? 6   DG A "O4'" 1 
ATOM   113 C  "C3'" . DG A 1 6  ? 7.71743   1.03696   7.50000   1.000 86.29642  ? 6   DG A "C3'" 1 
ATOM   114 O  "O3'" . DG A 1 6  ? 8.48062   0.00933   6.92786   1.000 86.81106  ? 6   DG A "O3'" 1 
ATOM   115 C  "C2'" . DG A 1 6  ? 6.95926   0.57551   8.73907   1.000 84.19117  ? 6   DG A "C2'" 1 
ATOM   116 C  "C1'" . DG A 1 6  ? 6.79560   1.89519   9.50167   1.000 84.37131  ? 6   DG A "C1'" 1 
ATOM   117 N  N9    . DG A 1 6  ? 5.52869   2.56866   9.25189   1.000 86.84767  ? 6   DG A N9    1 
ATOM   118 C  C8    . DG A 1 6  ? 5.31292   3.63090   8.41370   1.000 89.27088  ? 6   DG A C8    1 
ATOM   119 N  N7    . DG A 1 6  ? 4.07389   4.03222   8.39388   1.000 92.62598  ? 6   DG A N7    1 
ATOM   120 C  C5    . DG A 1 6  ? 3.43026   3.18591   9.27804   1.000 89.98383  ? 6   DG A C5    1 
ATOM   121 C  C6    . DG A 1 6  ? 2.07580   3.14401   9.67005   1.000 94.99198  ? 6   DG A C6    1 
ATOM   122 O  O6    . DG A 1 6  ? 1.14077   3.86792   9.29350   1.000 101.20065 ? 6   DG A O6    1 
ATOM   123 N  N1    . DG A 1 6  ? 1.84514   2.12981   10.58840  1.000 95.96366  ? 6   DG A N1    1 
ATOM   124 C  C2    . DG A 1 6  ? 2.80708   1.27233   11.06675  1.000 95.82362  ? 6   DG A C2    1 
ATOM   125 N  N2    . DG A 1 6  ? 2.40052   0.35494   11.95048  1.000 99.51298  ? 6   DG A N2    1 
ATOM   126 N  N3    . DG A 1 6  ? 4.07536   1.30405   10.70482  1.000 92.26106  ? 6   DG A N3    1 
ATOM   127 C  C4    . DG A 1 6  ? 4.31467   2.28178   9.81582   1.000 88.66249  ? 6   DG A C4    1 
ATOM   128 P  P     . DG A 1 7  ? 7.76117   -1.08151  6.00535   1.000 95.50289  ? 7   DG A P     1 
ATOM   129 O  OP1   . DG A 1 7  ? 8.72269   -1.64241  5.02060   1.000 95.86358  ? 7   DG A OP1   1 
ATOM   130 O  OP2   . DG A 1 7  ? 6.53612   -0.43766  5.49768   1.000 100.04774 ? 7   DG A OP2   1 
ATOM   131 O  "O5'" . DG A 1 7  ? 7.30010   -2.18344  7.05875   1.000 91.98483  ? 7   DG A "O5'" 1 
ATOM   132 C  "C5'" . DG A 1 7  ? 6.25104   -3.03824  6.73055   1.000 98.24213  ? 7   DG A "C5'" 1 
ATOM   133 C  "C4'" . DG A 1 7  ? 5.31698   -3.23186  7.90496   1.000 101.98479 ? 7   DG A "C4'" 1 
ATOM   134 O  "O4'" . DG A 1 7  ? 5.01696   -1.95880  8.53032   1.000 100.57918 ? 7   DG A "O4'" 1 
ATOM   135 C  "C3'" . DG A 1 7  ? 3.96531   -3.78567  7.52945   1.000 105.50385 ? 7   DG A "C3'" 1 
ATOM   136 O  "O3'" . DG A 1 7  ? 4.05850   -5.19188  7.34351   1.000 103.63704 ? 7   DG A "O3'" 1 
ATOM   137 C  "C2'" . DG A 1 7  ? 3.12788   -3.39662  8.74772   1.000 101.03795 ? 7   DG A "C2'" 1 
ATOM   138 C  "C1'" . DG A 1 7  ? 3.70005   -2.00607  9.08245   1.000 101.79197 ? 7   DG A "C1'" 1 
ATOM   139 N  N9    . DG A 1 7  ? 2.92184   -0.87933  8.53707   1.000 102.01952 ? 7   DG A N9    1 
ATOM   140 C  C8    . DG A 1 7  ? 3.37351   0.08688   7.66866   1.000 102.97616 ? 7   DG A C8    1 
ATOM   141 N  N7    . DG A 1 7  ? 2.46677   0.97186   7.34571   1.000 104.52777 ? 7   DG A N7    1 
ATOM   142 C  C5    . DG A 1 7  ? 1.33581   0.57267   8.04106   1.000 104.14858 ? 7   DG A C5    1 
ATOM   143 C  C6    . DG A 1 7  ? 0.04207   1.15407   8.08524   1.000 104.78502 ? 7   DG A C6    1 
ATOM   144 O  O6    . DG A 1 7  ? -0.37244  2.16642   7.49053   1.000 100.83727 ? 7   DG A O6    1 
ATOM   145 N  N1    . DG A 1 7  ? -0.80989  0.43628   8.92125   1.000 108.35180 ? 7   DG A N1    1 
ATOM   146 C  C2    . DG A 1 7  ? -0.45638  -0.69840  9.62404   1.000 106.58838 ? 7   DG A C2    1 
ATOM   147 N  N2    . DG A 1 7  ? -1.41534  -1.25466  10.37958  1.000 108.00144 ? 7   DG A N2    1 
ATOM   148 N  N3    . DG A 1 7  ? 0.75176   -1.24936  9.59230   1.000 103.11701 ? 7   DG A N3    1 
ATOM   149 C  C4    . DG A 1 7  ? 1.59567   -0.56530  8.78571   1.000 103.14097 ? 7   DG A C4    1 
ATOM   150 P  P     . DC A 1 8  ? 4.08981   -5.80347  5.85364   1.000 110.71701 ? 8   DC A P     1 
ATOM   151 O  OP1   . DC A 1 8  ? 5.05066   -6.92958  5.86639   1.000 116.40486 ? 8   DC A OP1   1 
ATOM   152 O  OP2   . DC A 1 8  ? 4.30397   -4.72070  4.86205   1.000 100.08155 ? 8   DC A OP2   1 
ATOM   153 O  "O5'" . DC A 1 8  ? 2.60245   -6.36200  5.66313   1.000 110.55459 ? 8   DC A "O5'" 1 
ATOM   154 C  "C5'" . DC A 1 8  ? 2.23498   -7.61585  6.23426   1.000 110.93233 ? 8   DC A "C5'" 1 
ATOM   155 C  "C4'" . DC A 1 8  ? 1.20338   -7.45656  7.34682   1.000 111.05921 ? 8   DC A "C4'" 1 
ATOM   156 O  "O4'" . DC A 1 8  ? 1.16595   -6.08987  7.82268   1.000 109.48416 ? 8   DC A "O4'" 1 
ATOM   157 C  "C3'" . DC A 1 8  ? -0.23171  -7.72963  6.95012   1.000 115.47424 ? 8   DC A "C3'" 1 
ATOM   158 O  "O3'" . DC A 1 8  ? -0.48028  -9.13297  6.89117   1.000 117.95503 ? 8   DC A "O3'" 1 
ATOM   159 C  "C2'" . DC A 1 8  ? -0.98751  -7.07043  8.10151   1.000 111.22831 ? 8   DC A "C2'" 1 
ATOM   160 C  "C1'" . DC A 1 8  ? -0.11637  -5.84156  8.40114   1.000 110.77016 ? 8   DC A "C1'" 1 
ATOM   161 N  N1    . DC A 1 8  ? -0.67294  -4.54819  7.84772   1.000 114.78923 ? 8   DC A N1    1 
ATOM   162 C  C2    . DC A 1 8  ? -1.90357  -4.04886  8.31488   1.000 114.27749 ? 8   DC A C2    1 
ATOM   163 O  O2    . DC A 1 8  ? -2.52823  -4.67835  9.18216   1.000 110.33331 ? 8   DC A O2    1 
ATOM   164 N  N3    . DC A 1 8  ? -2.37869  -2.88154  7.79501   1.000 115.49629 ? 8   DC A N3    1 
ATOM   165 C  C4    . DC A 1 8  ? -1.68089  -2.22780  6.86007   1.000 113.00665 ? 8   DC A C4    1 
ATOM   166 N  N4    . DC A 1 8  ? -2.18584  -1.08480  6.37862   1.000 111.95757 ? 8   DC A N4    1 
ATOM   167 C  C5    . DC A 1 8  ? -0.43388  -2.71797  6.37876   1.000 113.12968 ? 8   DC A C5    1 
ATOM   168 C  C6    . DC A 1 8  ? 0.02748   -3.86684  6.89369   1.000 115.90012 ? 8   DC A C6    1 
ATOM   169 P  P     . DT A 1 9  ? -1.30654  -9.74959  5.65691   1.000 123.37044 ? 9   DT A P     1 
ATOM   170 O  OP1   . DT A 1 9  ? -1.41379  -11.21289 5.87156   1.000 118.91374 ? 9   DT A OP1   1 
ATOM   171 O  OP2   . DT A 1 9  ? -0.66729  -9.24257  4.41975   1.000 114.13975 ? 9   DT A OP2   1 
ATOM   172 O  "O5'" . DT A 1 9  ? -2.75759  -9.06086  5.78161   1.000 126.68324 ? 9   DT A "O5'" 1 
ATOM   173 C  "C5'" . DT A 1 9  ? -3.50231  -9.15918  7.00802   1.000 124.41384 ? 9   DT A "C5'" 1 
ATOM   174 C  "C4'" . DT A 1 9  ? -4.62445  -8.12208  7.08367   1.000 126.00726 ? 9   DT A "C4'" 1 
ATOM   175 O  "O4'" . DT A 1 9  ? -4.09397  -6.77645  7.16490   1.000 128.38389 ? 9   DT A "O4'" 1 
ATOM   176 C  "C3'" . DT A 1 9  ? -5.52824  -8.03691  5.88157   1.000 127.87758 ? 9   DT A "C3'" 1 
ATOM   177 O  "O3'" . DT A 1 9  ? -6.41476  -9.10460  5.85034   1.000 134.72158 ? 9   DT A "O3'" 1 
ATOM   178 C  "C2'" . DT A 1 9  ? -6.24890  -6.72730  6.16641   1.000 124.87906 ? 9   DT A "C2'" 1 
ATOM   179 C  "C1'" . DT A 1 9  ? -5.09737  -5.87035  6.68846   1.000 126.41808 ? 9   DT A "C1'" 1 
ATOM   180 N  N1    . DT A 1 9  ? -4.51978  -4.96865  5.63394   1.000 123.26236 ? 9   DT A N1    1 
ATOM   181 C  C2    . DT A 1 9  ? -5.18310  -3.80509  5.31750   1.000 121.98834 ? 9   DT A C2    1 
ATOM   182 O  O2    . DT A 1 9  ? -6.21359  -3.46208  5.85714   1.000 122.63890 ? 9   DT A O2    1 
ATOM   183 N  N3    . DT A 1 9  ? -4.59176  -3.04993  4.34620   1.000 120.67134 ? 9   DT A N3    1 
ATOM   184 C  C4    . DT A 1 9  ? -3.42907  -3.33596  3.66409   1.000 122.94558 ? 9   DT A C4    1 
ATOM   185 O  O4    . DT A 1 9  ? -2.97705  -2.59001  2.80395   1.000 125.77549 ? 9   DT A O4    1 
ATOM   186 C  C5    . DT A 1 9  ? -2.78121  -4.57482  4.03568   1.000 120.57245 ? 9   DT A C5    1 
ATOM   187 C  C7    . DT A 1 9  ? -1.50687  -4.99374  3.36169   1.000 121.31621 ? 9   DT A C7    1 
ATOM   188 C  C6    . DT A 1 9  ? -3.35468  -5.32496  4.98914   1.000 120.98574 ? 9   DT A C6    1 
ATOM   189 P  P     . DA A 1 10 ? -7.29101  -9.32806  4.52903   1.000 140.49381 ? 10  DA A P     1 
ATOM   190 O  OP1   . DA A 1 10 ? -8.43093  -8.38232  4.64029   1.000 133.15399 ? 10  DA A OP1   1 
ATOM   191 O  OP2   . DA A 1 10 ? -7.54814  -10.77460 4.38324   1.000 142.82649 ? 10  DA A OP2   1 
ATOM   192 O  "O5'" . DA A 1 10 ? -6.28156  -8.94099  3.34311   1.000 131.98867 ? 10  DA A "O5'" 1 
ATOM   193 C  "C5'" . DA A 1 10 ? -6.62213  -9.23239  1.99799   1.000 134.44821 ? 10  DA A "C5'" 1 
ATOM   194 C  "C4'" . DA A 1 10 ? -7.89973  -8.51248  1.62326   1.000 139.75098 ? 10  DA A "C4'" 1 
ATOM   195 O  "O4'" . DA A 1 10 ? -7.93749  -7.24090  2.33410   1.000 137.01478 ? 10  DA A "O4'" 1 
ATOM   196 C  "C3'" . DA A 1 10 ? -8.04279  -8.16460  0.14436   1.000 147.29400 ? 10  DA A "C3'" 1 
ATOM   197 O  "O3'" . DA A 1 10 ? -8.76476  -9.20198  -0.56427  1.000 148.47431 ? 10  DA A "O3'" 1 
ATOM   198 C  "C2'" . DA A 1 10 ? -8.82415  -6.85389  0.20608   1.000 143.41371 ? 10  DA A "C2'" 1 
ATOM   199 C  "C1'" . DA A 1 10 ? -8.20792  -6.19080  1.43297   1.000 140.93483 ? 10  DA A "C1'" 1 
ATOM   200 N  N9    . DA A 1 10 ? -6.95513  -5.45745  1.16114   1.000 139.62357 ? 10  DA A N9    1 
ATOM   201 C  C8    . DA A 1 10 ? -5.69953  -5.98731  0.98635   1.000 136.86925 ? 10  DA A C8    1 
ATOM   202 N  N7    . DA A 1 10 ? -4.76965  -5.09004  0.75376   1.000 134.76377 ? 10  DA A N7    1 
ATOM   203 C  C5    . DA A 1 10 ? -5.45431  -3.88493  0.78463   1.000 135.10490 ? 10  DA A C5    1 
ATOM   204 C  C6    . DA A 1 10 ? -5.03312  -2.54774  0.61407   1.000 135.04611 ? 10  DA A C6    1 
ATOM   205 N  N6    . DA A 1 10 ? -3.76469  -2.20232  0.36571   1.000 137.99538 ? 10  DA A N6    1 
ATOM   206 N  N1    . DA A 1 10 ? -5.96883  -1.57920  0.70237   1.000 131.80066 ? 10  DA A N1    1 
ATOM   207 C  C2    . DA A 1 10 ? -7.23657  -1.93130  0.94559   1.000 132.53792 ? 10  DA A C2    1 
ATOM   208 N  N3    . DA A 1 10 ? -7.75267  -3.14896  1.12651   1.000 131.98187 ? 10  DA A N3    1 
ATOM   209 C  C4    . DA A 1 10 ? -6.80079  -4.09055  1.03357   1.000 134.54461 ? 10  DA A C4    1 
ATOM   210 P  P     . DG A 1 11 ? -8.45581  -9.50606  -2.12136  1.000 155.95596 ? 11  DG A P     1 
ATOM   211 O  OP1   . DG A 1 11 ? -9.11370  -10.78415 -2.48785  1.000 145.43278 ? 11  DG A OP1   1 
ATOM   212 O  OP2   . DG A 1 11 ? -6.99279  -9.38192  -2.34019  1.000 152.02767 ? 11  DG A OP2   1 
ATOM   213 O  "O5'" . DG A 1 11 ? -9.18185  -8.29621  -2.89277  1.000 146.76674 ? 11  DG A "O5'" 1 
ATOM   214 C  "C5'" . DG A 1 11 ? -10.56211 -7.99987  -2.63110  1.000 138.94821 ? 11  DG A "C5'" 1 
ATOM   215 C  "C4'" . DG A 1 11 ? -10.91754 -6.57502  -3.04116  1.000 132.95290 ? 11  DG A "C4'" 1 
ATOM   216 O  "O4'" . DG A 1 11 ? -10.32432 -5.62828  -2.11485  1.000 132.68511 ? 11  DG A "O4'" 1 
ATOM   217 C  "C3'" . DG A 1 11 ? -10.42288 -6.14852  -4.41313  1.000 133.73452 ? 11  DG A "C3'" 1 
ATOM   218 O  "O3'" . DG A 1 11 ? -11.35647 -6.56133  -5.42270  1.000 131.71293 ? 11  DG A "O3'" 1 
ATOM   219 C  "C2'" . DG A 1 11 ? -10.38186 -4.62773  -4.26592  1.000 133.10021 ? 11  DG A "C2'" 1 
ATOM   220 C  "C1'" . DG A 1 11 ? -9.93536  -4.45176  -2.80855  1.000 134.15540 ? 11  DG A "C1'" 1 
ATOM   221 N  N9    . DG A 1 11 ? -8.48318  -4.24345  -2.64192  1.000 133.44599 ? 11  DG A N9    1 
ATOM   222 C  C8    . DG A 1 11 ? -7.52591  -5.19797  -2.37406  1.000 133.32702 ? 11  DG A C8    1 
ATOM   223 N  N7    . DG A 1 11 ? -6.31368  -4.71680  -2.27975  1.000 128.01700 ? 11  DG A N7    1 
ATOM   224 C  C5    . DG A 1 11 ? -6.47182  -3.35683  -2.50052  1.000 125.86075 ? 11  DG A C5    1 
ATOM   225 C  C6    . DG A 1 11 ? -5.50852  -2.32296  -2.52466  1.000 121.96112 ? 11  DG A C6    1 
ATOM   226 O  O6    . DG A 1 11 ? -4.28346  -2.40981  -2.34866  1.000 119.34903 ? 11  DG A O6    1 
ATOM   227 N  N1    . DG A 1 11 ? -6.09215  -1.08448  -2.78294  1.000 122.96506 ? 11  DG A N1    1 
ATOM   228 C  C2    . DG A 1 11 ? -7.43770  -0.87644  -3.00152  1.000 126.77703 ? 11  DG A C2    1 
ATOM   229 N  N2    . DG A 1 11 ? -7.81714  0.39010   -3.23697  1.000 124.75070 ? 11  DG A N2    1 
ATOM   230 N  N3    . DG A 1 11 ? -8.35019  -1.83611  -2.97929  1.000 128.85870 ? 11  DG A N3    1 
ATOM   231 C  C4    . DG A 1 11 ? -7.80012  -3.04672  -2.72517  1.000 129.12931 ? 11  DG A C4    1 
ATOM   232 P  P     . DC A 1 12 ? -10.84810 -7.16611  -6.82654  1.000 126.33148 ? 12  DC A P     1 
ATOM   233 O  OP1   . DC A 1 12 ? -12.06228 -7.65100  -7.51619  1.000 128.28770 ? 12  DC A OP1   1 
ATOM   234 O  OP2   . DC A 1 12 ? -9.73235  -8.11807  -6.60367  1.000 123.07403 ? 12  DC A OP2   1 
ATOM   235 O  "O5'" . DC A 1 12 ? -10.26685 -5.88680  -7.59933  1.000 129.16177 ? 12  DC A "O5'" 1 
ATOM   236 C  "C5'" . DC A 1 12 ? -11.11773 -4.77070  -7.88679  1.000 127.01559 ? 12  DC A "C5'" 1 
ATOM   237 C  "C4'" . DC A 1 12 ? -10.31297 -3.48497  -8.04635  1.000 126.59033 ? 12  DC A "C4'" 1 
ATOM   238 O  "O4'" . DC A 1 12 ? -9.55948  -3.23030  -6.83548  1.000 127.48954 ? 12  DC A "O4'" 1 
ATOM   239 C  "C3'" . DC A 1 12 ? -9.25876  -3.49247  -9.14631  1.000 127.10712 ? 12  DC A "C3'" 1 
ATOM   240 O  "O3'" . DC A 1 12 ? -9.84779  -3.17983  -10.42978 1.000 128.61829 ? 12  DC A "O3'" 1 
ATOM   241 C  "C2'" . DC A 1 12 ? -8.31819  -2.37842  -8.67887  1.000 129.91831 ? 12  DC A "C2'" 1 
ATOM   242 C  "C1'" . DC A 1 12 ? -8.40720  -2.46163  -7.14825  1.000 127.41922 ? 12  DC A "C1'" 1 
ATOM   243 N  N1    . DC A 1 12 ? -7.17353  -3.07315  -6.48920  1.000 122.95638 ? 12  DC A N1    1 
ATOM   244 C  C2    . DC A 1 12 ? -6.10034  -2.24525  -6.13184  1.000 118.31892 ? 12  DC A C2    1 
ATOM   245 O  O2    . DC A 1 12 ? -6.18113  -1.03079  -6.35301  1.000 116.45441 ? 12  DC A O2    1 
ATOM   246 N  N3    . DC A 1 12 ? -4.99968  -2.79922  -5.54985  1.000 118.55231 ? 12  DC A N3    1 
ATOM   247 C  C4    . DC A 1 12 ? -4.94806  -4.11513  -5.32642  1.000 119.93274 ? 12  DC A C4    1 
ATOM   248 N  N4    . DC A 1 12 ? -3.84324  -4.61625  -4.74776  1.000 116.24560 ? 12  DC A N4    1 
ATOM   249 C  C5    . DC A 1 12 ? -6.02854  -4.97586  -5.68794  1.000 126.45474 ? 12  DC A C5    1 
ATOM   250 C  C6    . DC A 1 12 ? -7.10903  -4.41941  -6.26220  1.000 126.40562 ? 12  DC A C6    1 
ATOM   251 P  P     . DC A 1 13 ? -9.10210  -3.57698  -11.80695 1.000 134.03078 ? 13  DC A P     1 
ATOM   252 O  OP1   . DC A 1 13 ? -9.91781  -3.02781  -12.91946 1.000 136.43982 ? 13  DC A OP1   1 
ATOM   253 O  OP2   . DC A 1 13 ? -8.79450  -5.02656  -11.76725 1.000 124.62065 ? 13  DC A OP2   1 
ATOM   254 O  "O5'" . DC A 1 13 ? -7.70036  -2.78748  -11.75285 1.000 125.23998 ? 13  DC A "O5'" 1 
ATOM   255 C  "C5'" . DC A 1 13 ? -7.64940  -1.37726  -12.03092 1.000 122.80904 ? 13  DC A "C5'" 1 
ATOM   256 C  "C4'" . DC A 1 13 ? -6.29033  -0.76054  -11.66738 1.000 120.40008 ? 13  DC A "C4'" 1 
ATOM   257 O  "O4'" . DC A 1 13 ? -5.89326  -1.12077  -10.32156 1.000 122.41315 ? 13  DC A "O4'" 1 
ATOM   258 C  "C3'" . DC A 1 13 ? -5.10413  -1.19248  -12.50626 1.000 112.76665 ? 13  DC A "C3'" 1 
ATOM   259 O  "O3'" . DC A 1 13 ? -5.11517  -0.51524  -13.76263 1.000 112.60938 ? 13  DC A "O3'" 1 
ATOM   260 C  "C2'" . DC A 1 13 ? -3.93837  -0.72935  -11.62271 1.000 107.25190 ? 13  DC A "C2'" 1 
ATOM   261 C  "C1'" . DC A 1 13 ? -4.49064  -0.91983  -10.19697 1.000 109.91673 ? 13  DC A "C1'" 1 
ATOM   262 N  N1    . DC A 1 13 ? -3.86394  -2.08406  -9.43183  1.000 108.71169 ? 13  DC A N1    1 
ATOM   263 C  C2    . DC A 1 13 ? -2.61758  -1.91477  -8.82248  1.000 106.15091 ? 13  DC A C2    1 
ATOM   264 O  O2    . DC A 1 13 ? -2.05218  -0.82265  -8.92149  1.000 107.51421 ? 13  DC A O2    1 
ATOM   265 N  N3    . DC A 1 13 ? -2.06071  -2.95757  -8.14359  1.000 104.49716 ? 13  DC A N3    1 
ATOM   266 C  C4    . DC A 1 13 ? -2.70465  -4.12422  -8.06287  1.000 106.59995 ? 13  DC A C4    1 
ATOM   267 N  N4    . DC A 1 13 ? -2.11989  -5.12407  -7.38475  1.000 105.55350 ? 13  DC A N4    1 
ATOM   268 C  C5    . DC A 1 13 ? -3.97775  -4.31658  -8.67391  1.000 109.47294 ? 13  DC A C5    1 
ATOM   269 C  C6    . DC A 1 13 ? -4.51481  -3.28143  -9.34048  1.000 113.11515 ? 13  DC A C6    1 
ATOM   270 P  P     . DC A 1 14 ? -4.55100  -1.23202  -15.08848 1.000 112.86501 ? 14  DC A P     1 
ATOM   271 O  OP1   . DC A 1 14 ? -5.26465  -0.63945  -16.24465 1.000 110.72622 ? 14  DC A OP1   1 
ATOM   272 O  OP2   . DC A 1 14 ? -4.56099  -2.69761  -14.88342 1.000 113.78641 ? 14  DC A OP2   1 
ATOM   273 O  "O5'" . DC A 1 14 ? -3.02156  -0.78907  -15.13307 1.000 102.49652 ? 14  DC A "O5'" 1 
ATOM   274 C  "C5'" . DC A 1 14 ? -2.66005  0.51666   -14.74318 1.000 96.87275  ? 14  DC A "C5'" 1 
ATOM   275 C  "C4'" . DC A 1 14 ? -1.21413  0.54732   -14.31919 1.000 91.59742  ? 14  DC A "C4'" 1 
ATOM   276 O  "O4'" . DC A 1 14 ? -1.10107  0.16892   -12.93238 1.000 96.30335  ? 14  DC A "O4'" 1 
ATOM   277 C  "C3'" . DC A 1 14 ? -0.33964  -0.46569  -15.00588 1.000 91.20931  ? 14  DC A "C3'" 1 
ATOM   278 O  "O3'" . DC A 1 14 ? -0.00971  -0.04397  -16.29257 1.000 90.04145  ? 14  DC A "O3'" 1 
ATOM   279 C  "C2'" . DC A 1 14 ? 0.86357   -0.46328  -14.08952 1.000 87.97201  ? 14  DC A "C2'" 1 
ATOM   280 C  "C1'" . DC A 1 14 ? 0.19599   -0.37988  -12.72262 1.000 92.05984  ? 14  DC A "C1'" 1 
ATOM   281 N  N1    . DC A 1 14 ? 0.07550   -1.69839  -12.03939 1.000 92.92345  ? 14  DC A N1    1 
ATOM   282 C  C2    . DC A 1 14 ? 1.20347   -2.26789  -11.45015 1.000 93.62562  ? 14  DC A C2    1 
ATOM   283 O  O2    . DC A 1 14 ? 2.28078   -1.66823  -11.51605 1.000 93.55289  ? 14  DC A O2    1 
ATOM   284 N  N3    . DC A 1 14 ? 1.08618   -3.46549  -10.82387 1.000 95.18217  ? 14  DC A N3    1 
ATOM   285 C  C4    . DC A 1 14 ? -0.09543  -4.07953  -10.77458 1.000 96.73094  ? 14  DC A C4    1 
ATOM   286 N  N4    . DC A 1 14 ? -0.16424  -5.26035  -10.14519 1.000 98.34198  ? 14  DC A N4    1 
ATOM   287 C  C5    . DC A 1 14 ? -1.25737  -3.51314  -11.37311 1.000 97.97268  ? 14  DC A C5    1 
ATOM   288 C  C6    . DC A 1 14 ? -1.12428  -2.33527  -11.99080 1.000 97.10231  ? 14  DC A C6    1 
ATOM   289 P  P     . DC A 1 15 ? 0.18182   -1.14527  -17.44117 1.000 93.22143  ? 15  DC A P     1 
ATOM   290 O  OP1   . DC A 1 15 ? 0.23309   -0.43331  -18.73504 1.000 100.27384 ? 15  DC A OP1   1 
ATOM   291 O  OP2   . DC A 1 15 ? -0.84639  -2.19052  -17.21649 1.000 95.00760  ? 15  DC A OP2   1 
ATOM   292 O  "O5'" . DC A 1 15 ? 1.62389   -1.76502  -17.13703 1.000 82.73715  ? 15  DC A "O5'" 1 
ATOM   293 C  "C5'" . DC A 1 15 ? 2.74473   -0.91736  -17.08951 1.000 80.80769  ? 15  DC A "C5'" 1 
ATOM   294 C  "C4'" . DC A 1 15 ? 3.81200   -1.50926  -16.20464 1.000 82.27992  ? 15  DC A "C4'" 1 
ATOM   295 O  "O4'" . DC A 1 15 ? 3.24086   -1.86540  -14.93584 1.000 84.24838  ? 15  DC A "O4'" 1 
ATOM   296 C  "C3'" . DC A 1 15 ? 4.40280   -2.79531  -16.71420 1.000 81.98937  ? 15  DC A "C3'" 1 
ATOM   297 O  "O3'" . DC A 1 15 ? 5.42370   -2.50161  -17.62941 1.000 87.35916  ? 15  DC A "O3'" 1 
ATOM   298 C  "C2'" . DC A 1 15 ? 4.95881   -3.42041  -15.43762 1.000 81.71220  ? 15  DC A "C2'" 1 
ATOM   299 C  "C1'" . DC A 1 15 ? 3.95583   -2.94918  -14.37815 1.000 85.22989  ? 15  DC A "C1'" 1 
ATOM   300 N  N1    . DC A 1 15 ? 2.97780   -3.99446  -13.96987 1.000 85.91301  ? 15  DC A N1    1 
ATOM   301 C  C2    . DC A 1 15 ? 3.40914   -5.08643  -13.21548 1.000 86.95157  ? 15  DC A C2    1 
ATOM   302 O  O2    . DC A 1 15 ? 4.60393   -5.16570  -12.89857 1.000 86.71780  ? 15  DC A O2    1 
ATOM   303 N  N3    . DC A 1 15 ? 2.50384   -6.03294  -12.85348 1.000 90.23692  ? 15  DC A N3    1 
ATOM   304 C  C4    . DC A 1 15 ? 1.22486   -5.91250  -13.21890 1.000 90.10134  ? 15  DC A C4    1 
ATOM   305 N  N4    . DC A 1 15 ? 0.37021   -6.87138  -12.83945 1.000 93.92412  ? 15  DC A N4    1 
ATOM   306 C  C5    . DC A 1 15 ? 0.76646   -4.80309  -13.98623 1.000 89.58981  ? 15  DC A C5    1 
ATOM   307 C  C6    . DC A 1 15 ? 1.66828   -3.87671  -14.33523 1.000 89.72731  ? 15  DC A C6    1 
ATOM   308 P  P     . DA A 1 16 ? 5.66712   -3.47978  -18.86877 1.000 81.70142  ? 16  DA A P     1 
ATOM   309 O  OP1   . DA A 1 16 ? 6.24137   -2.71045  -19.99874 1.000 75.69752  ? 16  DA A OP1   1 
ATOM   310 O  OP2   . DA A 1 16 ? 4.36817   -4.16621  -18.99786 1.000 82.82465  ? 16  DA A OP2   1 
ATOM   311 O  "O5'" . DA A 1 16 ? 6.74494   -4.53723  -18.32761 1.000 77.53465  ? 16  DA A "O5'" 1 
ATOM   312 C  "C5'" . DA A 1 16 ? 6.43173   -5.90817  -18.28993 1.000 72.39063  ? 16  DA A "C5'" 1 
ATOM   313 C  "C4'" . DA A 1 16 ? 7.04607   -6.54876  -17.07482 1.000 74.40802  ? 16  DA A "C4'" 1 
ATOM   314 O  "O4'" . DA A 1 16 ? 6.22470   -6.27636  -15.92457 1.000 78.20707  ? 16  DA A "O4'" 1 
ATOM   315 C  "C3'" . DA A 1 16 ? 7.12067   -8.05002  -17.12571 1.000 78.98512  ? 16  DA A "C3'" 1 
ATOM   316 O  "O3'" . DA A 1 16 ? 8.25909   -8.43162  -17.82057 1.000 82.41792  ? 16  DA A "O3'" 1 
ATOM   317 C  "C2'" . DA A 1 16 ? 7.21706   -8.39978  -15.65186 1.000 80.73549  ? 16  DA A "C2'" 1 
ATOM   318 C  "C1'" . DA A 1 16 ? 6.23127   -7.40321  -15.06076 1.000 81.90916  ? 16  DA A "C1'" 1 
ATOM   319 N  N9    . DA A 1 16 ? 4.86728   -7.90434  -14.96789 1.000 81.96009  ? 16  DA A N9    1 
ATOM   320 C  C8    . DA A 1 16 ? 3.80603   -7.53142  -15.73893 1.000 85.95228  ? 16  DA A C8    1 
ATOM   321 N  N7    . DA A 1 16 ? 2.68182   -8.13217  -15.42570 1.000 86.00599  ? 16  DA A N7    1 
ATOM   322 C  C5    . DA A 1 16 ? 3.02874   -8.95227  -14.37396 1.000 84.09668  ? 16  DA A C5    1 
ATOM   323 C  C6    . DA A 1 16 ? 2.28032   -9.84953  -13.59309 1.000 87.21183  ? 16  DA A C6    1 
ATOM   324 N  N6    . DA A 1 16 ? 0.97019   -10.07398 -13.77334 1.000 93.05799  ? 16  DA A N6    1 
ATOM   325 N  N1    . DA A 1 16 ? 2.93006   -10.50965 -12.61913 1.000 86.76966  ? 16  DA A N1    1 
ATOM   326 C  C2    . DA A 1 16 ? 4.24097   -10.28111 -12.44649 1.000 88.95271  ? 16  DA A C2    1 
ATOM   327 N  N3    . DA A 1 16 ? 5.05028   -9.46299  -13.11839 1.000 85.88736  ? 16  DA A N3    1 
ATOM   328 C  C4    . DA A 1 16 ? 4.37539   -8.82266  -14.07563 1.000 82.78367  ? 16  DA A C4    1 
ATOM   329 P  P     . DC A 1 17 ? 8.13532   -9.52225  -18.98844 1.000 92.86088  ? 17  DC A P     1 
ATOM   330 O  OP1   . DC A 1 17 ? 9.21211   -9.25975  -19.96216 1.000 92.47183  ? 17  DC A OP1   1 
ATOM   331 O  OP2   . DC A 1 17 ? 6.72784   -9.56283  -19.44865 1.000 84.70923  ? 17  DC A OP2   1 
ATOM   332 O  "O5'" . DC A 1 17 ? 8.47636   -10.88830 -18.24953 1.000 88.11614  ? 17  DC A "O5'" 1 
ATOM   333 C  "C5'" . DC A 1 17 ? 9.71735   -11.03520 -17.61195 1.000 86.30582  ? 17  DC A "C5'" 1 
ATOM   334 C  "C4'" . DC A 1 17 ? 9.58410   -11.98975 -16.45967 1.000 91.78811  ? 17  DC A "C4'" 1 
ATOM   335 O  "O4'" . DC A 1 17 ? 8.62670   -11.44734 -15.51899 1.000 94.12987  ? 17  DC A "O4'" 1 
ATOM   336 C  "C3'" . DC A 1 17 ? 9.03381   -13.35225 -16.83951 1.000 94.14951  ? 17  DC A "C3'" 1 
ATOM   337 O  "O3'" . DC A 1 17 ? 10.09955  -14.21937 -17.24157 1.000 100.52221 ? 17  DC A "O3'" 1 
ATOM   338 C  "C2'" . DC A 1 17 ? 8.39711   -13.80703 -15.53393 1.000 93.69797  ? 17  DC A "C2'" 1 
ATOM   339 C  "C1'" . DC A 1 17 ? 7.84040   -12.49299 -14.98268 1.000 92.02882  ? 17  DC A "C1'" 1 
ATOM   340 N  N1    . DC A 1 17 ? 6.41820   -12.24810 -15.33595 1.000 82.29084  ? 17  DC A N1    1 
ATOM   341 C  C2    . DC A 1 17 ? 5.42265   -12.90482 -14.62787 1.000 84.42253  ? 17  DC A C2    1 
ATOM   342 O  O2    . DC A 1 17 ? 5.74871   -13.68143 -13.72368 1.000 89.46045  ? 17  DC A O2    1 
ATOM   343 N  N3    . DC A 1 17 ? 4.12706   -12.67606 -14.94680 1.000 80.99566  ? 17  DC A N3    1 
ATOM   344 C  C4    . DC A 1 17 ? 3.82129   -11.82978 -15.92210 1.000 81.89214  ? 17  DC A C4    1 
ATOM   345 N  N4    . DC A 1 17 ? 2.52602   -11.63435 -16.19967 1.000 81.19105  ? 17  DC A N4    1 
ATOM   346 C  C5    . DC A 1 17 ? 4.82901   -11.14674 -16.65854 1.000 85.37455  ? 17  DC A C5    1 
ATOM   347 C  C6    . DC A 1 17 ? 6.10199   -11.38814 -16.33533 1.000 81.97542  ? 17  DC A C6    1 
ATOM   348 P  P     . DC A 1 18 ? 9.94971   -15.14932 -18.55099 1.000 115.48179 ? 18  DC A P     1 
ATOM   349 O  OP1   . DC A 1 18 ? 11.09415  -14.88108 -19.44686 1.000 119.56431 ? 18  DC A OP1   1 
ATOM   350 O  OP2   . DC A 1 18 ? 8.58055   -14.97344 -19.09199 1.000 105.63846 ? 18  DC A OP2   1 
ATOM   351 O  "O5'" . DC A 1 18 ? 10.12975  -16.64107 -17.98691 1.000 107.53468 ? 18  DC A "O5'" 1 
ATOM   352 C  "C5'" . DC A 1 18 ? 9.01960   -17.53860 -17.95717 1.000 105.16103 ? 18  DC A "C5'" 1 
ATOM   353 C  "C4'" . DC A 1 18 ? 8.59133   -17.82253 -16.52644 1.000 101.12875 ? 18  DC A "C4'" 1 
ATOM   354 O  "O4'" . DC A 1 18 ? 7.53858   -16.89973 -16.12884 1.000 96.64540  ? 18  DC A "O4'" 1 
ATOM   355 C  "C3'" . DC A 1 18 ? 7.99679   -19.20252 -16.29734 1.000 99.27912  ? 18  DC A "C3'" 1 
ATOM   356 O  "O3'" . DC A 1 18 ? 8.21629   -19.57733 -14.94441 1.000 100.73300 ? 18  DC A "O3'" 1 
ATOM   357 C  "C2'" . DC A 1 18 ? 6.52152   -18.94329 -16.55468 1.000 89.76621  ? 18  DC A "C2'" 1 
ATOM   358 C  "C1'" . DC A 1 18 ? 6.37921   -17.64111 -15.80102 1.000 88.93542  ? 18  DC A "C1'" 1 
ATOM   359 N  N1    . DC A 1 18 ? 5.20288   -16.85730 -16.17540 1.000 84.21985  ? 18  DC A N1    1 
ATOM   360 C  C2    . DC A 1 18 ? 3.95146   -17.20909 -15.67151 1.000 84.63310  ? 18  DC A C2    1 
ATOM   361 O  O2    . DC A 1 18 ? 3.85081   -18.19531 -14.93187 1.000 82.56656  ? 18  DC A O2    1 
ATOM   362 N  N3    . DC A 1 18 ? 2.88036   -16.46171 -16.01414 1.000 86.82404  ? 18  DC A N3    1 
ATOM   363 C  C4    . DC A 1 18 ? 3.03242   -15.40356 -16.81527 1.000 88.86007  ? 18  DC A C4    1 
ATOM   364 N  N4    . DC A 1 18 ? 1.94138   -14.69203 -17.13289 1.000 91.13309  ? 18  DC A N4    1 
ATOM   365 C  C5    . DC A 1 18 ? 4.30649   -15.02703 -17.32627 1.000 87.58269  ? 18  DC A C5    1 
ATOM   366 C  C6    . DC A 1 18 ? 5.35242   -15.77321 -16.98011 1.000 85.74797  ? 18  DC A C6    1 
HETATM 367 SR SR    . SR B 2 .  ? 0.63206   -4.78270  -3.08479  1.000 116.24850 ? 101 SR A SR    1 
# 
